data_3IJL
#
_entry.id   3IJL
#
_cell.length_a   141.897
_cell.length_b   100.074
_cell.length_c   60.075
_cell.angle_alpha   90.00
_cell.angle_beta   90.34
_cell.angle_gamma   90.00
#
_symmetry.space_group_name_H-M   'C 1 2 1'
#
loop_
_entity.id
_entity.type
_entity.pdbx_description
1 polymer 'Muconate cycloisomerase'
2 non-polymer PROLINE
3 non-polymer 'D-GLUTAMIC ACID'
4 non-polymer 'MAGNESIUM ION'
5 water water
#
_entity_poly.entity_id   1
_entity_poly.type   'polypeptide(L)'
_entity_poly.pdbx_seq_one_letter_code
;MKMTFFPYELKLRHVFTVATYSRTTTPDVQVEIEYEGVTGYGEASMPPYLGETVESVMNFLKKVNLEQFSDPFQLEDILS
YVDSLSPKDTAAKAAVDIALHDLVGKLLGAPWYKIWGLNKEKTPSTTFTIGIDTPDVVRAKTKECAGLFNILKVKLGRDN
DKEMIETIRSVTDLPIAVDANQGWKDRQYALDMIHWLKEKGIVMIEQPMPKEQLDDIAWVTQQSPLPVFADESLQRLGDV
AALKGAFTGINIKLMKCTGMREAWKMVTLAHALGMRVMVGCMTETSCAISAASQFSPAVDFADLDGNLLISNDRFKGVEV
VNGKITLNDLPGIGVMKI
;
_entity_poly.pdbx_strand_id   A,B
#
# COMPACT_ATOMS: atom_id res chain seq x y z
N LYS A 2 7.73 -13.33 26.42
CA LYS A 2 8.75 -12.25 26.36
C LYS A 2 8.23 -11.04 25.60
N MET A 3 8.12 -9.91 26.27
CA MET A 3 7.64 -8.69 25.63
C MET A 3 8.73 -7.63 25.55
N THR A 4 8.96 -7.12 24.35
CA THR A 4 9.95 -6.08 24.13
C THR A 4 9.22 -4.90 23.50
N PHE A 5 9.78 -3.71 23.67
CA PHE A 5 9.15 -2.51 23.15
C PHE A 5 10.16 -1.38 22.98
N PHE A 6 9.89 -0.48 22.05
CA PHE A 6 10.79 0.63 21.78
C PHE A 6 10.07 1.77 21.08
N PRO A 7 10.55 3.01 21.28
CA PRO A 7 9.93 4.17 20.64
C PRO A 7 10.14 4.14 19.13
N TYR A 8 9.13 4.56 18.38
CA TYR A 8 9.21 4.59 16.93
C TYR A 8 8.37 5.75 16.43
N GLU A 9 8.96 6.94 16.42
CA GLU A 9 8.24 8.13 16.00
C GLU A 9 7.74 8.03 14.56
N LEU A 10 6.47 8.34 14.36
CA LEU A 10 5.88 8.29 13.04
C LEU A 10 6.16 9.61 12.33
N LYS A 11 6.56 9.53 11.07
CA LYS A 11 6.85 10.72 10.28
C LYS A 11 5.66 10.95 9.35
N LEU A 12 4.99 12.09 9.49
CA LEU A 12 3.84 12.37 8.65
C LEU A 12 4.29 12.92 7.30
N ARG A 13 3.53 12.59 6.25
CA ARG A 13 3.86 13.03 4.90
C ARG A 13 3.66 14.54 4.74
N HIS A 14 2.75 15.09 5.53
CA HIS A 14 2.45 16.53 5.48
C HIS A 14 1.96 17.00 6.84
N VAL A 15 1.87 18.31 7.01
CA VAL A 15 1.37 18.87 8.27
C VAL A 15 -0.04 18.37 8.50
N PHE A 16 -0.30 17.85 9.70
CA PHE A 16 -1.62 17.33 10.05
C PHE A 16 -2.19 18.18 11.16
N THR A 17 -3.43 18.64 10.99
CA THR A 17 -4.06 19.49 11.99
C THR A 17 -5.38 19.00 12.57
N VAL A 18 -5.45 19.00 13.89
CA VAL A 18 -6.65 18.59 14.61
C VAL A 18 -7.04 19.81 15.44
N ALA A 19 -8.18 20.41 15.10
CA ALA A 19 -8.64 21.61 15.81
C ALA A 19 -7.61 22.71 15.59
N THR A 20 -6.88 23.08 16.64
CA THR A 20 -5.88 24.13 16.54
C THR A 20 -4.47 23.57 16.67
N TYR A 21 -4.35 22.25 16.81
CA TYR A 21 -3.05 21.62 16.97
C TYR A 21 -2.53 20.98 15.69
N SER A 22 -1.44 21.52 15.17
CA SER A 22 -0.82 21.02 13.95
C SER A 22 0.47 20.28 14.31
N ARG A 23 0.81 19.25 13.54
CA ARG A 23 2.02 18.49 13.79
C ARG A 23 2.51 17.79 12.53
N THR A 24 3.78 17.37 12.55
CA THR A 24 4.37 16.68 11.40
C THR A 24 4.91 15.32 11.79
N THR A 25 4.79 14.97 13.06
CA THR A 25 5.25 13.69 13.57
C THR A 25 4.32 13.21 14.68
N THR A 26 4.40 11.93 15.02
CA THR A 26 3.56 11.38 16.08
C THR A 26 4.32 10.39 16.96
N PRO A 27 4.39 10.66 18.28
CA PRO A 27 5.09 9.74 19.17
C PRO A 27 4.39 8.39 19.07
N ASP A 28 5.15 7.30 19.08
CA ASP A 28 4.59 5.98 18.91
C ASP A 28 5.55 4.97 19.54
N VAL A 29 5.01 3.87 20.06
CA VAL A 29 5.84 2.83 20.66
C VAL A 29 5.43 1.49 20.05
N GLN A 30 6.42 0.75 19.55
CA GLN A 30 6.17 -0.54 18.93
C GLN A 30 6.43 -1.65 19.94
N VAL A 31 5.50 -2.61 19.99
CA VAL A 31 5.60 -3.72 20.94
C VAL A 31 5.65 -5.08 20.26
N GLU A 32 6.38 -6.01 20.88
CA GLU A 32 6.49 -7.37 20.36
C GLU A 32 6.41 -8.38 21.49
N ILE A 33 5.55 -9.39 21.33
CA ILE A 33 5.41 -10.43 22.33
C ILE A 33 5.77 -11.74 21.66
N GLU A 34 6.77 -12.43 22.20
CA GLU A 34 7.22 -13.69 21.63
C GLU A 34 6.83 -14.88 22.49
N TYR A 35 6.41 -15.95 21.84
CA TYR A 35 6.01 -17.18 22.50
C TYR A 35 6.36 -18.37 21.61
N GLU A 36 7.25 -19.23 22.09
CA GLU A 36 7.67 -20.40 21.35
C GLU A 36 8.01 -20.13 19.89
N GLY A 37 8.79 -19.07 19.65
CA GLY A 37 9.20 -18.74 18.30
C GLY A 37 8.23 -17.92 17.47
N VAL A 38 7.03 -17.69 17.99
CA VAL A 38 6.03 -16.91 17.29
C VAL A 38 5.98 -15.51 17.89
N THR A 39 5.88 -14.49 17.03
CA THR A 39 5.85 -13.11 17.49
C THR A 39 4.58 -12.36 17.13
N GLY A 40 4.02 -11.69 18.13
CA GLY A 40 2.82 -10.88 17.92
C GLY A 40 3.25 -9.43 17.95
N TYR A 41 2.74 -8.64 17.01
CA TYR A 41 3.09 -7.22 16.91
C TYR A 41 2.01 -6.29 17.44
N GLY A 42 2.43 -5.35 18.29
CA GLY A 42 1.51 -4.39 18.86
C GLY A 42 2.02 -2.97 18.68
N GLU A 43 1.16 -2.00 18.97
CA GLU A 43 1.53 -0.60 18.80
C GLU A 43 0.72 0.37 19.65
N ALA A 44 1.39 1.42 20.09
CA ALA A 44 0.75 2.47 20.85
C ALA A 44 1.06 3.75 20.06
N SER A 45 0.03 4.51 19.74
CA SER A 45 0.21 5.77 19.03
C SER A 45 -0.27 6.87 19.95
N MET A 46 0.56 7.91 20.10
CA MET A 46 0.22 8.97 21.02
C MET A 46 0.15 10.42 20.52
N PRO A 47 -0.98 10.79 19.90
CA PRO A 47 -1.09 12.18 19.43
C PRO A 47 -0.89 12.99 20.71
N PRO A 48 0.08 13.93 20.72
CA PRO A 48 0.34 14.74 21.92
C PRO A 48 -0.84 15.27 22.72
N TYR A 49 -1.85 15.81 22.05
CA TYR A 49 -3.00 16.38 22.75
C TYR A 49 -3.88 15.34 23.45
N LEU A 50 -3.58 14.06 23.29
CA LEU A 50 -4.39 13.03 23.93
C LEU A 50 -3.86 12.59 25.30
N GLY A 51 -2.80 13.24 25.78
CA GLY A 51 -2.28 12.93 27.10
C GLY A 51 -1.15 11.96 27.33
N GLU A 52 -0.92 11.02 26.41
CA GLU A 52 0.16 10.07 26.62
C GLU A 52 1.42 10.53 25.88
N THR A 53 2.56 9.96 26.27
CA THR A 53 3.84 10.31 25.67
C THR A 53 4.72 9.07 25.60
N VAL A 54 5.87 9.20 24.94
CA VAL A 54 6.80 8.07 24.85
C VAL A 54 7.18 7.67 26.27
N GLU A 55 7.44 8.67 27.11
CA GLU A 55 7.82 8.42 28.50
C GLU A 55 6.73 7.68 29.27
N SER A 56 5.49 8.14 29.17
CA SER A 56 4.40 7.50 29.89
C SER A 56 4.17 6.07 29.41
N VAL A 57 4.23 5.86 28.10
CA VAL A 57 4.02 4.53 27.53
C VAL A 57 5.16 3.58 27.88
N MET A 58 6.40 4.04 27.74
CA MET A 58 7.54 3.19 28.05
C MET A 58 7.52 2.82 29.53
N ASN A 59 7.19 3.79 30.38
CA ASN A 59 7.14 3.53 31.82
C ASN A 59 6.03 2.56 32.18
N PHE A 60 4.89 2.65 31.49
CA PHE A 60 3.79 1.75 31.77
C PHE A 60 4.18 0.34 31.35
N LEU A 61 4.70 0.21 30.13
CA LEU A 61 5.10 -1.10 29.63
C LEU A 61 6.12 -1.77 30.53
N LYS A 62 6.98 -0.97 31.17
CA LYS A 62 8.00 -1.51 32.07
C LYS A 62 7.38 -2.14 33.31
N LYS A 63 6.12 -1.83 33.58
CA LYS A 63 5.41 -2.36 34.74
C LYS A 63 4.76 -3.71 34.42
N VAL A 64 4.58 -3.98 33.13
CA VAL A 64 3.94 -5.20 32.69
C VAL A 64 4.83 -6.44 32.75
N ASN A 65 4.38 -7.44 33.51
CA ASN A 65 5.10 -8.69 33.64
C ASN A 65 4.32 -9.77 32.92
N LEU A 66 4.72 -10.11 31.69
CA LEU A 66 4.03 -11.15 30.94
C LEU A 66 4.77 -12.47 31.06
N GLU A 67 5.98 -12.42 31.63
CA GLU A 67 6.76 -13.63 31.80
C GLU A 67 6.12 -14.55 32.83
N GLN A 68 5.32 -13.98 33.72
CA GLN A 68 4.63 -14.75 34.74
C GLN A 68 3.44 -15.50 34.15
N PHE A 69 3.13 -15.20 32.89
CA PHE A 69 2.04 -15.84 32.18
C PHE A 69 2.63 -16.80 31.16
N SER A 70 2.25 -18.07 31.24
CA SER A 70 2.79 -19.08 30.33
C SER A 70 1.86 -19.45 29.19
N ASP A 71 0.66 -18.88 29.17
CA ASP A 71 -0.33 -19.18 28.15
C ASP A 71 -0.92 -17.89 27.55
N PRO A 72 -0.52 -17.54 26.32
CA PRO A 72 -1.04 -16.32 25.69
C PRO A 72 -2.55 -16.31 25.42
N PHE A 73 -3.17 -17.48 25.46
CA PHE A 73 -4.61 -17.55 25.22
C PHE A 73 -5.43 -17.06 26.40
N GLN A 74 -4.76 -16.76 27.52
CA GLN A 74 -5.41 -16.25 28.72
C GLN A 74 -5.66 -14.76 28.56
N LEU A 75 -6.30 -14.36 27.47
CA LEU A 75 -6.55 -12.95 27.22
C LEU A 75 -7.35 -12.23 28.31
N GLU A 76 -8.38 -12.89 28.83
CA GLU A 76 -9.18 -12.27 29.87
C GLU A 76 -8.34 -11.93 31.10
N ASP A 77 -7.61 -12.92 31.60
CA ASP A 77 -6.78 -12.75 32.79
C ASP A 77 -5.62 -11.79 32.54
N ILE A 78 -4.92 -11.97 31.43
CA ILE A 78 -3.78 -11.12 31.11
C ILE A 78 -4.17 -9.66 30.94
N LEU A 79 -5.18 -9.39 30.12
CA LEU A 79 -5.59 -8.01 29.91
C LEU A 79 -6.26 -7.35 31.11
N SER A 80 -6.85 -8.16 31.99
CA SER A 80 -7.46 -7.63 33.21
C SER A 80 -6.31 -7.16 34.08
N TYR A 81 -5.26 -7.98 34.13
CA TYR A 81 -4.07 -7.67 34.90
C TYR A 81 -3.43 -6.39 34.35
N VAL A 82 -3.27 -6.33 33.04
CA VAL A 82 -2.66 -5.15 32.41
C VAL A 82 -3.45 -3.88 32.75
N ASP A 83 -4.76 -3.95 32.68
CA ASP A 83 -5.59 -2.78 32.97
C ASP A 83 -5.46 -2.34 34.43
N SER A 84 -5.29 -3.30 35.32
CA SER A 84 -5.18 -3.01 36.76
C SER A 84 -3.92 -2.25 37.17
N LEU A 85 -2.93 -2.19 36.28
CA LEU A 85 -1.66 -1.52 36.60
C LEU A 85 -1.72 0.00 36.66
N SER A 86 -2.77 0.60 36.10
CA SER A 86 -2.91 2.05 36.13
C SER A 86 -4.34 2.45 35.79
N PRO A 87 -4.71 3.70 36.09
CA PRO A 87 -6.06 4.21 35.81
C PRO A 87 -6.32 4.41 34.32
N LYS A 88 -5.33 4.92 33.60
CA LYS A 88 -5.48 5.18 32.18
C LYS A 88 -4.44 4.50 31.29
N ASP A 89 -3.55 5.28 30.69
CA ASP A 89 -2.53 4.74 29.79
C ASP A 89 -3.17 3.80 28.78
N THR A 90 -4.31 4.21 28.23
CA THR A 90 -5.03 3.36 27.29
C THR A 90 -4.29 3.00 26.01
N ALA A 91 -3.43 3.89 25.52
CA ALA A 91 -2.68 3.59 24.30
C ALA A 91 -1.62 2.54 24.62
N ALA A 92 -0.95 2.68 25.75
CA ALA A 92 0.07 1.72 26.16
C ALA A 92 -0.59 0.35 26.34
N LYS A 93 -1.76 0.34 26.95
CA LYS A 93 -2.49 -0.91 27.17
C LYS A 93 -2.94 -1.51 25.84
N ALA A 94 -3.37 -0.67 24.91
CA ALA A 94 -3.80 -1.15 23.61
C ALA A 94 -2.66 -1.88 22.90
N ALA A 95 -1.45 -1.38 23.07
CA ALA A 95 -0.28 -1.98 22.43
C ALA A 95 -0.10 -3.44 22.87
N VAL A 96 -0.26 -3.69 24.17
CA VAL A 96 -0.12 -5.04 24.67
C VAL A 96 -1.25 -5.92 24.13
N ASP A 97 -2.46 -5.37 24.15
CA ASP A 97 -3.64 -6.07 23.65
C ASP A 97 -3.46 -6.46 22.17
N ILE A 98 -3.04 -5.50 21.35
CA ILE A 98 -2.86 -5.80 19.93
C ILE A 98 -1.83 -6.90 19.71
N ALA A 99 -0.69 -6.78 20.37
CA ALA A 99 0.37 -7.79 20.23
C ALA A 99 -0.12 -9.17 20.66
N LEU A 100 -0.89 -9.23 21.74
CA LEU A 100 -1.42 -10.50 22.22
C LEU A 100 -2.41 -11.11 21.25
N HIS A 101 -3.26 -10.28 20.65
CA HIS A 101 -4.21 -10.80 19.67
C HIS A 101 -3.49 -11.29 18.44
N ASP A 102 -2.45 -10.56 18.02
CA ASP A 102 -1.71 -10.98 16.84
C ASP A 102 -1.08 -12.34 17.13
N LEU A 103 -0.49 -12.48 18.31
CA LEU A 103 0.14 -13.73 18.72
C LEU A 103 -0.86 -14.89 18.77
N VAL A 104 -1.99 -14.68 19.45
CA VAL A 104 -3.00 -15.72 19.56
C VAL A 104 -3.55 -16.13 18.20
N GLY A 105 -3.83 -15.15 17.34
CA GLY A 105 -4.34 -15.46 16.02
C GLY A 105 -3.33 -16.28 15.23
N LYS A 106 -2.06 -15.96 15.38
CA LYS A 106 -1.01 -16.70 14.69
C LYS A 106 -0.92 -18.13 15.21
N LEU A 107 -1.12 -18.31 16.52
CA LEU A 107 -1.06 -19.64 17.10
C LEU A 107 -2.27 -20.47 16.65
N LEU A 108 -3.38 -19.81 16.37
CA LEU A 108 -4.60 -20.47 15.91
C LEU A 108 -4.62 -20.60 14.39
N GLY A 109 -3.75 -19.86 13.71
CA GLY A 109 -3.72 -19.90 12.26
C GLY A 109 -4.94 -19.24 11.63
N ALA A 110 -5.42 -18.17 12.26
CA ALA A 110 -6.58 -17.48 11.71
C ALA A 110 -6.58 -15.99 12.05
N PRO A 111 -7.14 -15.18 11.15
CA PRO A 111 -7.22 -13.73 11.39
C PRO A 111 -8.37 -13.49 12.35
N TRP A 112 -8.32 -12.40 13.10
CA TRP A 112 -9.40 -12.16 14.05
C TRP A 112 -10.79 -11.94 13.47
N TYR A 113 -10.89 -11.44 12.23
CA TYR A 113 -12.22 -11.25 11.67
C TYR A 113 -12.89 -12.63 11.55
N LYS A 114 -12.07 -13.65 11.29
CA LYS A 114 -12.56 -15.02 11.14
C LYS A 114 -12.87 -15.63 12.50
N ILE A 115 -12.00 -15.38 13.47
CA ILE A 115 -12.20 -15.90 14.82
C ILE A 115 -13.49 -15.30 15.39
N TRP A 116 -13.76 -14.03 15.08
CA TRP A 116 -14.96 -13.35 15.54
C TRP A 116 -16.20 -13.73 14.72
N GLY A 117 -16.00 -14.54 13.68
CA GLY A 117 -17.11 -14.99 12.85
C GLY A 117 -17.68 -13.99 11.88
N LEU A 118 -16.85 -13.06 11.41
CA LEU A 118 -17.30 -12.02 10.51
C LEU A 118 -17.01 -12.29 9.04
N ASN A 119 -17.76 -11.64 8.17
CA ASN A 119 -17.62 -11.76 6.72
C ASN A 119 -16.70 -10.62 6.25
N LYS A 120 -15.49 -10.95 5.81
CA LYS A 120 -14.56 -9.91 5.37
C LYS A 120 -15.07 -9.10 4.18
N GLU A 121 -16.03 -9.65 3.45
CA GLU A 121 -16.57 -8.93 2.31
C GLU A 121 -17.47 -7.77 2.75
N LYS A 122 -17.78 -7.73 4.04
CA LYS A 122 -18.63 -6.67 4.57
C LYS A 122 -17.85 -5.51 5.17
N THR A 123 -16.55 -5.45 4.88
CA THR A 123 -15.74 -4.35 5.38
C THR A 123 -16.29 -3.07 4.77
N PRO A 124 -16.12 -1.93 5.47
CA PRO A 124 -16.61 -0.65 4.99
C PRO A 124 -15.66 0.12 4.09
N SER A 125 -16.19 1.20 3.52
CA SER A 125 -15.38 2.11 2.72
C SER A 125 -14.78 2.99 3.80
N THR A 126 -13.52 3.35 3.66
CA THR A 126 -12.90 4.23 4.64
C THR A 126 -12.93 5.65 4.13
N THR A 127 -13.08 6.60 5.04
CA THR A 127 -13.05 8.00 4.65
C THR A 127 -11.58 8.37 4.49
N PHE A 128 -11.36 9.51 3.86
CA PHE A 128 -10.04 10.08 3.69
C PHE A 128 -10.35 11.55 3.90
N THR A 129 -9.50 12.26 4.61
CA THR A 129 -9.74 13.66 4.92
C THR A 129 -9.28 14.70 3.89
N ILE A 130 -10.14 15.69 3.67
CA ILE A 130 -9.80 16.81 2.79
C ILE A 130 -9.53 17.90 3.82
N GLY A 131 -8.26 18.25 4.00
CA GLY A 131 -7.89 19.25 4.98
C GLY A 131 -8.26 20.67 4.63
N ILE A 132 -8.47 21.50 5.66
CA ILE A 132 -8.83 22.89 5.43
C ILE A 132 -7.63 23.62 4.85
N ASP A 133 -7.88 24.44 3.84
CA ASP A 133 -6.83 25.20 3.18
C ASP A 133 -7.49 26.19 2.24
N THR A 134 -6.70 26.86 1.42
CA THR A 134 -7.26 27.82 0.47
C THR A 134 -8.14 27.05 -0.50
N PRO A 135 -9.19 27.70 -1.04
CA PRO A 135 -10.10 27.06 -1.98
C PRO A 135 -9.40 26.32 -3.12
N ASP A 136 -8.38 26.93 -3.70
CA ASP A 136 -7.65 26.31 -4.80
C ASP A 136 -6.99 25.00 -4.37
N VAL A 137 -6.39 24.99 -3.20
CA VAL A 137 -5.73 23.78 -2.69
C VAL A 137 -6.77 22.71 -2.36
N VAL A 138 -7.85 23.12 -1.72
CA VAL A 138 -8.92 22.19 -1.35
C VAL A 138 -9.48 21.49 -2.60
N ARG A 139 -9.79 22.27 -3.62
CA ARG A 139 -10.32 21.70 -4.87
C ARG A 139 -9.30 20.74 -5.49
N ALA A 140 -8.03 21.13 -5.45
CA ALA A 140 -6.97 20.31 -6.02
C ALA A 140 -6.80 18.99 -5.27
N LYS A 141 -6.72 19.06 -3.94
CA LYS A 141 -6.57 17.87 -3.11
C LYS A 141 -7.77 16.95 -3.24
N THR A 142 -8.95 17.53 -3.37
CA THR A 142 -10.18 16.77 -3.52
C THR A 142 -10.16 16.00 -4.83
N LYS A 143 -9.78 16.67 -5.91
CA LYS A 143 -9.73 16.04 -7.22
C LYS A 143 -8.66 14.95 -7.26
N GLU A 144 -7.57 15.16 -6.54
CA GLU A 144 -6.46 14.19 -6.51
C GLU A 144 -6.77 12.86 -5.83
N CYS A 145 -7.60 12.88 -4.79
CA CYS A 145 -7.91 11.64 -4.06
C CYS A 145 -9.30 11.07 -4.32
N ALA A 146 -10.23 11.92 -4.74
CA ALA A 146 -11.61 11.49 -4.99
C ALA A 146 -11.76 10.15 -5.70
N GLY A 147 -10.89 9.89 -6.67
CA GLY A 147 -10.98 8.64 -7.41
C GLY A 147 -10.60 7.37 -6.66
N LEU A 148 -10.03 7.51 -5.48
CA LEU A 148 -9.62 6.34 -4.69
C LEU A 148 -10.53 6.04 -3.51
N PHE A 149 -11.47 6.93 -3.22
CA PHE A 149 -12.36 6.74 -2.09
C PHE A 149 -13.82 6.88 -2.47
N ASN A 150 -14.69 6.28 -1.66
CA ASN A 150 -16.13 6.29 -1.90
C ASN A 150 -16.83 7.30 -0.98
N ILE A 151 -16.09 7.83 -0.03
CA ILE A 151 -16.65 8.78 0.92
C ILE A 151 -15.50 9.62 1.46
N LEU A 152 -15.75 10.90 1.67
CA LEU A 152 -14.73 11.81 2.16
C LEU A 152 -15.07 12.37 3.53
N LYS A 153 -14.04 12.67 4.31
CA LYS A 153 -14.23 13.23 5.64
C LYS A 153 -13.78 14.69 5.65
N VAL A 154 -14.52 15.51 6.37
CA VAL A 154 -14.20 16.92 6.49
C VAL A 154 -14.38 17.30 7.97
N LYS A 155 -13.40 18.00 8.51
CA LYS A 155 -13.46 18.43 9.90
C LYS A 155 -14.04 19.83 9.95
N LEU A 156 -15.26 19.93 10.49
CA LEU A 156 -15.93 21.22 10.60
C LEU A 156 -15.83 21.76 12.01
N GLY A 157 -16.74 22.66 12.36
CA GLY A 157 -16.70 23.26 13.69
C GLY A 157 -15.75 24.43 13.67
N ARG A 158 -15.32 24.81 12.47
CA ARG A 158 -14.40 25.94 12.28
C ARG A 158 -15.18 27.20 11.93
N ASP A 159 -14.50 28.16 11.32
CA ASP A 159 -15.13 29.43 10.95
C ASP A 159 -15.52 29.50 9.47
N ASN A 160 -15.13 28.49 8.69
CA ASN A 160 -15.44 28.48 7.27
C ASN A 160 -16.04 27.14 6.83
N ASP A 161 -16.88 26.56 7.68
CA ASP A 161 -17.51 25.28 7.38
C ASP A 161 -18.27 25.25 6.06
N LYS A 162 -19.20 26.18 5.88
CA LYS A 162 -19.99 26.22 4.66
C LYS A 162 -19.16 26.37 3.39
N GLU A 163 -18.21 27.30 3.39
CA GLU A 163 -17.37 27.50 2.21
C GLU A 163 -16.60 26.22 1.92
N MET A 164 -16.10 25.57 2.97
CA MET A 164 -15.33 24.35 2.82
C MET A 164 -16.16 23.28 2.11
N ILE A 165 -17.40 23.09 2.56
CA ILE A 165 -18.29 22.11 1.97
C ILE A 165 -18.63 22.45 0.51
N GLU A 166 -18.92 23.72 0.24
CA GLU A 166 -19.26 24.11 -1.12
C GLU A 166 -18.07 23.98 -2.06
N THR A 167 -16.87 24.29 -1.57
CA THR A 167 -15.67 24.17 -2.39
C THR A 167 -15.47 22.71 -2.78
N ILE A 168 -15.56 21.81 -1.81
CA ILE A 168 -15.39 20.39 -2.07
C ILE A 168 -16.49 19.90 -3.02
N ARG A 169 -17.71 20.33 -2.75
CA ARG A 169 -18.85 19.90 -3.57
C ARG A 169 -18.76 20.41 -5.01
N SER A 170 -17.97 21.45 -5.25
CA SER A 170 -17.83 22.00 -6.59
C SER A 170 -16.97 21.11 -7.49
N VAL A 171 -16.30 20.12 -6.90
CA VAL A 171 -15.46 19.23 -7.68
C VAL A 171 -15.75 17.75 -7.50
N THR A 172 -16.66 17.41 -6.58
CA THR A 172 -17.00 16.01 -6.36
C THR A 172 -18.43 15.82 -5.86
N ASP A 173 -19.01 14.68 -6.20
CA ASP A 173 -20.38 14.35 -5.78
C ASP A 173 -20.37 13.24 -4.74
N LEU A 174 -19.18 12.91 -4.24
CA LEU A 174 -19.04 11.86 -3.24
C LEU A 174 -19.71 12.21 -1.91
N PRO A 175 -20.24 11.19 -1.22
CA PRO A 175 -20.88 11.47 0.07
C PRO A 175 -19.80 11.95 1.02
N ILE A 176 -20.19 12.75 2.00
CA ILE A 176 -19.23 13.29 2.95
C ILE A 176 -19.65 13.00 4.40
N ALA A 177 -18.68 12.68 5.23
CA ALA A 177 -18.92 12.43 6.64
C ALA A 177 -18.23 13.61 7.33
N VAL A 178 -18.90 14.24 8.28
CA VAL A 178 -18.30 15.38 8.95
C VAL A 178 -18.05 15.14 10.43
N ASP A 179 -16.95 15.71 10.92
CA ASP A 179 -16.61 15.62 12.34
C ASP A 179 -16.50 17.06 12.81
N ALA A 180 -17.45 17.47 13.65
CA ALA A 180 -17.48 18.84 14.17
C ALA A 180 -16.55 19.04 15.36
N ASN A 181 -16.06 17.94 15.92
CA ASN A 181 -15.16 18.00 17.07
C ASN A 181 -15.62 18.95 18.17
N GLN A 182 -16.86 18.79 18.61
CA GLN A 182 -17.43 19.62 19.68
C GLN A 182 -17.42 21.10 19.31
N GLY A 183 -17.38 21.40 18.01
CA GLY A 183 -17.34 22.77 17.56
C GLY A 183 -18.58 23.63 17.70
N TRP A 184 -19.76 23.02 17.69
CA TRP A 184 -21.00 23.79 17.81
C TRP A 184 -21.56 23.79 19.23
N LYS A 185 -21.61 24.96 19.84
CA LYS A 185 -22.10 25.11 21.21
C LYS A 185 -23.60 25.37 21.33
N ASP A 186 -24.20 25.92 20.28
CA ASP A 186 -25.63 26.20 20.28
C ASP A 186 -26.38 25.07 19.59
N ARG A 187 -27.27 24.41 20.32
CA ARG A 187 -28.02 23.28 19.77
C ARG A 187 -28.87 23.64 18.55
N GLN A 188 -29.41 24.84 18.52
CA GLN A 188 -30.23 25.25 17.38
C GLN A 188 -29.34 25.39 16.15
N TYR A 189 -28.15 25.97 16.35
CA TYR A 189 -27.21 26.15 15.25
C TYR A 189 -26.77 24.78 14.74
N ALA A 190 -26.43 23.90 15.66
CA ALA A 190 -25.99 22.55 15.31
C ALA A 190 -27.03 21.85 14.45
N LEU A 191 -28.29 21.91 14.89
CA LEU A 191 -29.37 21.28 14.16
C LEU A 191 -29.55 21.90 12.78
N ASP A 192 -29.51 23.23 12.71
CA ASP A 192 -29.65 23.92 11.44
C ASP A 192 -28.54 23.50 10.49
N MET A 193 -27.32 23.43 11.01
CA MET A 193 -26.16 23.04 10.22
C MET A 193 -26.31 21.63 9.67
N ILE A 194 -26.82 20.73 10.51
CA ILE A 194 -27.01 19.34 10.09
C ILE A 194 -27.99 19.27 8.91
N HIS A 195 -29.04 20.08 8.96
CA HIS A 195 -30.02 20.12 7.88
C HIS A 195 -29.37 20.65 6.61
N TRP A 196 -28.55 21.69 6.76
CA TRP A 196 -27.87 22.29 5.63
C TRP A 196 -26.90 21.28 5.02
N LEU A 197 -26.16 20.59 5.87
CA LEU A 197 -25.20 19.59 5.42
C LEU A 197 -25.88 18.42 4.71
N LYS A 198 -27.01 17.97 5.25
CA LYS A 198 -27.72 16.86 4.61
C LYS A 198 -28.11 17.25 3.20
N GLU A 199 -28.51 18.49 3.01
CA GLU A 199 -28.90 18.97 1.69
C GLU A 199 -27.71 19.03 0.76
N LYS A 200 -26.51 19.04 1.34
CA LYS A 200 -25.27 19.10 0.57
C LYS A 200 -24.63 17.72 0.37
N GLY A 201 -25.37 16.68 0.71
CA GLY A 201 -24.85 15.32 0.52
C GLY A 201 -24.03 14.74 1.65
N ILE A 202 -24.10 15.33 2.83
CA ILE A 202 -23.36 14.80 3.98
C ILE A 202 -24.23 13.67 4.52
N VAL A 203 -23.61 12.54 4.86
CA VAL A 203 -24.38 11.38 5.32
C VAL A 203 -24.22 11.00 6.79
N MET A 204 -23.36 11.70 7.51
CA MET A 204 -23.14 11.38 8.91
C MET A 204 -22.51 12.54 9.66
N ILE A 205 -22.90 12.71 10.92
CA ILE A 205 -22.41 13.79 11.77
C ILE A 205 -21.73 13.19 12.99
N GLU A 206 -20.52 13.68 13.29
CA GLU A 206 -19.76 13.18 14.43
C GLU A 206 -19.51 14.28 15.46
N GLN A 207 -19.82 13.97 16.73
CA GLN A 207 -19.62 14.88 17.86
C GLN A 207 -19.91 16.34 17.53
N PRO A 208 -21.20 16.67 17.28
CA PRO A 208 -21.58 18.04 16.94
C PRO A 208 -21.35 19.09 18.03
N MET A 209 -21.51 18.68 19.29
CA MET A 209 -21.35 19.61 20.40
C MET A 209 -20.41 19.12 21.50
N PRO A 210 -20.07 20.00 22.46
CA PRO A 210 -19.17 19.63 23.56
C PRO A 210 -19.76 18.47 24.36
N LYS A 211 -18.90 17.57 24.82
CA LYS A 211 -19.34 16.41 25.58
C LYS A 211 -20.06 16.79 26.87
N GLU A 212 -19.79 17.99 27.39
CA GLU A 212 -20.44 18.46 28.61
C GLU A 212 -21.90 18.80 28.39
N GLN A 213 -22.30 18.96 27.12
CA GLN A 213 -23.66 19.31 26.78
C GLN A 213 -24.43 18.12 26.21
N LEU A 214 -24.47 17.02 26.96
CA LEU A 214 -25.15 15.82 26.50
C LEU A 214 -26.64 16.05 26.28
N ASP A 215 -27.26 16.92 27.09
CA ASP A 215 -28.67 17.21 26.96
C ASP A 215 -28.97 17.86 25.62
N ASP A 216 -28.14 18.83 25.23
CA ASP A 216 -28.34 19.51 23.95
C ASP A 216 -28.12 18.53 22.80
N ILE A 217 -27.16 17.63 22.96
CA ILE A 217 -26.86 16.65 21.93
C ILE A 217 -28.06 15.74 21.71
N ALA A 218 -28.67 15.28 22.79
CA ALA A 218 -29.83 14.42 22.68
C ALA A 218 -30.95 15.18 21.98
N TRP A 219 -31.06 16.47 22.30
CA TRP A 219 -32.07 17.34 21.70
C TRP A 219 -31.89 17.38 20.19
N VAL A 220 -30.64 17.55 19.76
CA VAL A 220 -30.31 17.60 18.33
C VAL A 220 -30.53 16.25 17.65
N THR A 221 -29.95 15.21 18.23
CA THR A 221 -30.07 13.86 17.66
C THR A 221 -31.49 13.38 17.48
N GLN A 222 -32.37 13.69 18.43
CA GLN A 222 -33.76 13.29 18.35
C GLN A 222 -34.47 13.82 17.11
N GLN A 223 -34.02 14.96 16.62
CA GLN A 223 -34.63 15.56 15.44
C GLN A 223 -33.68 15.69 14.26
N SER A 224 -32.59 14.92 14.30
CA SER A 224 -31.60 14.95 13.23
C SER A 224 -31.94 14.03 12.06
N PRO A 225 -31.78 14.53 10.84
CA PRO A 225 -32.08 13.72 9.65
C PRO A 225 -30.90 12.83 9.29
N LEU A 226 -29.82 12.94 10.06
CA LEU A 226 -28.62 12.15 9.83
C LEU A 226 -28.15 11.49 11.12
N PRO A 227 -27.47 10.34 11.02
CA PRO A 227 -26.99 9.68 12.23
C PRO A 227 -25.90 10.53 12.90
N VAL A 228 -25.95 10.60 14.22
CA VAL A 228 -25.00 11.37 15.00
C VAL A 228 -24.16 10.42 15.85
N PHE A 229 -22.84 10.47 15.66
CA PHE A 229 -21.92 9.59 16.38
C PHE A 229 -21.12 10.29 17.46
N ALA A 230 -20.91 9.59 18.57
CA ALA A 230 -20.14 10.10 19.70
C ALA A 230 -18.68 9.71 19.57
N ASP A 231 -17.78 10.64 19.90
CA ASP A 231 -16.35 10.39 19.85
C ASP A 231 -15.75 10.89 21.15
N GLU A 232 -15.55 12.20 21.26
CA GLU A 232 -14.99 12.77 22.48
C GLU A 232 -15.87 12.47 23.68
N SER A 233 -17.13 12.13 23.43
CA SER A 233 -18.07 11.82 24.52
C SER A 233 -17.86 10.47 25.19
N LEU A 234 -16.93 9.66 24.67
CA LEU A 234 -16.65 8.37 25.29
C LEU A 234 -15.22 7.91 25.03
N GLN A 235 -14.72 7.10 25.95
CA GLN A 235 -13.37 6.56 25.83
C GLN A 235 -13.39 5.04 25.82
N ARG A 236 -14.06 4.46 26.81
CA ARG A 236 -14.10 3.02 26.97
C ARG A 236 -15.48 2.39 27.12
N LEU A 237 -15.47 1.07 27.31
CA LEU A 237 -16.70 0.29 27.46
C LEU A 237 -17.65 0.87 28.51
N GLY A 238 -17.10 1.27 29.65
CA GLY A 238 -17.91 1.82 30.71
C GLY A 238 -18.56 3.16 30.44
N ASP A 239 -18.24 3.78 29.31
CA ASP A 239 -18.78 5.08 28.95
C ASP A 239 -19.90 5.02 27.92
N VAL A 240 -20.12 3.85 27.36
CA VAL A 240 -21.12 3.67 26.31
C VAL A 240 -22.59 3.79 26.70
N ALA A 241 -23.02 3.01 27.69
CA ALA A 241 -24.41 3.00 28.13
C ALA A 241 -25.03 4.38 28.38
N ALA A 242 -24.26 5.27 28.99
CA ALA A 242 -24.74 6.62 29.29
C ALA A 242 -25.13 7.42 28.06
N LEU A 243 -24.69 6.99 26.88
CA LEU A 243 -24.99 7.71 25.65
C LEU A 243 -26.22 7.23 24.90
N LYS A 244 -26.84 6.15 25.38
CA LYS A 244 -28.04 5.63 24.74
C LYS A 244 -29.12 6.69 24.73
N GLY A 245 -29.74 6.90 23.58
CA GLY A 245 -30.80 7.90 23.48
C GLY A 245 -30.32 9.31 23.17
N ALA A 246 -29.04 9.56 23.34
CA ALA A 246 -28.47 10.87 23.06
C ALA A 246 -27.74 10.86 21.73
N PHE A 247 -27.15 9.73 21.39
CA PHE A 247 -26.40 9.54 20.15
C PHE A 247 -26.96 8.39 19.34
N THR A 248 -26.78 8.45 18.02
CA THR A 248 -27.24 7.38 17.14
C THR A 248 -26.25 6.23 17.23
N GLY A 249 -24.98 6.57 17.47
CA GLY A 249 -23.95 5.56 17.56
C GLY A 249 -22.68 6.04 18.24
N ILE A 250 -21.70 5.16 18.35
CA ILE A 250 -20.43 5.49 19.00
C ILE A 250 -19.25 5.25 18.07
N ASN A 251 -18.16 5.97 18.34
CA ASN A 251 -16.94 5.82 17.57
C ASN A 251 -15.94 5.12 18.50
N ILE A 252 -15.33 4.05 17.99
CA ILE A 252 -14.37 3.28 18.76
C ILE A 252 -12.96 3.46 18.19
N LYS A 253 -11.98 3.70 19.07
CA LYS A 253 -10.59 3.83 18.63
C LYS A 253 -9.74 3.00 19.59
N LEU A 254 -8.88 2.15 19.04
CA LEU A 254 -8.06 1.29 19.87
C LEU A 254 -7.20 2.03 20.90
N MET A 255 -6.60 3.15 20.50
CA MET A 255 -5.77 3.90 21.44
C MET A 255 -6.56 4.52 22.59
N LYS A 256 -7.88 4.61 22.43
CA LYS A 256 -8.72 5.16 23.49
C LYS A 256 -9.34 4.10 24.39
N CYS A 257 -9.67 2.94 23.80
CA CYS A 257 -10.35 1.88 24.54
C CYS A 257 -9.53 0.72 25.12
N THR A 258 -8.22 0.76 24.91
CA THR A 258 -7.27 -0.27 25.38
C THR A 258 -7.10 -1.48 24.46
N GLY A 259 -7.58 -1.38 23.23
CA GLY A 259 -7.38 -2.50 22.32
C GLY A 259 -8.56 -3.23 21.74
N MET A 260 -8.24 -4.30 21.03
CA MET A 260 -9.21 -5.14 20.34
C MET A 260 -10.25 -5.84 21.21
N ARG A 261 -9.84 -6.39 22.35
CA ARG A 261 -10.79 -7.09 23.19
C ARG A 261 -11.88 -6.16 23.70
N GLU A 262 -11.49 -5.01 24.22
CA GLU A 262 -12.49 -4.06 24.71
C GLU A 262 -13.28 -3.47 23.55
N ALA A 263 -12.60 -3.24 22.42
CA ALA A 263 -13.27 -2.69 21.25
C ALA A 263 -14.44 -3.59 20.82
N TRP A 264 -14.18 -4.89 20.76
CA TRP A 264 -15.22 -5.83 20.34
C TRP A 264 -16.37 -5.86 21.34
N LYS A 265 -16.06 -5.70 22.61
CA LYS A 265 -17.10 -5.67 23.64
C LYS A 265 -17.94 -4.40 23.46
N MET A 266 -17.29 -3.32 23.03
CA MET A 266 -18.00 -2.06 22.81
C MET A 266 -18.95 -2.20 21.63
N VAL A 267 -18.54 -2.94 20.60
CA VAL A 267 -19.38 -3.16 19.44
C VAL A 267 -20.62 -3.93 19.90
N THR A 268 -20.39 -4.97 20.69
CA THR A 268 -21.47 -5.79 21.21
C THR A 268 -22.44 -4.97 22.06
N LEU A 269 -21.88 -4.19 22.98
CA LEU A 269 -22.69 -3.35 23.85
C LEU A 269 -23.52 -2.34 23.07
N ALA A 270 -22.85 -1.58 22.19
CA ALA A 270 -23.55 -0.58 21.40
C ALA A 270 -24.72 -1.20 20.63
N HIS A 271 -24.44 -2.29 19.90
CA HIS A 271 -25.46 -2.97 19.11
C HIS A 271 -26.59 -3.53 19.96
N ALA A 272 -26.25 -4.10 21.11
CA ALA A 272 -27.26 -4.66 21.99
C ALA A 272 -28.20 -3.56 22.47
N LEU A 273 -27.66 -2.35 22.59
CA LEU A 273 -28.44 -1.20 23.04
C LEU A 273 -29.09 -0.43 21.89
N GLY A 274 -29.06 -1.00 20.69
CA GLY A 274 -29.66 -0.34 19.54
C GLY A 274 -28.89 0.83 18.97
N MET A 275 -27.61 0.93 19.29
CA MET A 275 -26.77 2.01 18.79
C MET A 275 -25.90 1.52 17.64
N ARG A 276 -25.54 2.43 16.74
CA ARG A 276 -24.70 2.07 15.61
C ARG A 276 -23.25 2.23 16.03
N VAL A 277 -22.34 1.75 15.19
CA VAL A 277 -20.92 1.82 15.50
C VAL A 277 -20.06 2.25 14.33
N MET A 278 -19.05 3.05 14.63
CA MET A 278 -18.09 3.49 13.63
C MET A 278 -16.74 3.28 14.29
N VAL A 279 -15.69 3.18 13.49
CA VAL A 279 -14.34 3.00 14.03
C VAL A 279 -13.41 4.05 13.45
N GLY A 280 -12.51 4.56 14.29
CA GLY A 280 -11.56 5.57 13.85
C GLY A 280 -10.15 5.15 14.19
N CYS A 281 -9.21 6.06 14.02
CA CYS A 281 -7.81 5.76 14.29
C CYS A 281 -7.00 7.03 14.41
N MET A 282 -5.76 6.87 14.88
CA MET A 282 -4.83 7.99 14.97
C MET A 282 -3.88 7.72 13.81
N THR A 283 -2.91 8.61 13.61
CA THR A 283 -1.91 8.35 12.58
C THR A 283 -1.20 7.14 13.22
N GLU A 284 -1.21 6.01 12.52
CA GLU A 284 -0.63 4.78 13.04
C GLU A 284 -0.01 3.95 11.92
N THR A 285 0.82 2.98 12.28
CA THR A 285 1.39 2.10 11.26
C THR A 285 0.29 1.11 10.93
N SER A 286 0.53 0.25 9.95
CA SER A 286 -0.48 -0.73 9.57
C SER A 286 -0.75 -1.76 10.65
N CYS A 287 0.05 -1.76 11.71
CA CYS A 287 -0.18 -2.70 12.80
C CYS A 287 -1.53 -2.38 13.45
N ALA A 288 -1.63 -1.19 14.04
CA ALA A 288 -2.87 -0.79 14.69
C ALA A 288 -4.04 -0.65 13.72
N ILE A 289 -3.76 -0.19 12.51
CA ILE A 289 -4.84 -0.03 11.53
C ILE A 289 -5.45 -1.37 11.16
N SER A 290 -4.60 -2.37 10.91
CA SER A 290 -5.09 -3.68 10.53
C SER A 290 -5.81 -4.35 11.70
N ALA A 291 -5.33 -4.11 12.91
CA ALA A 291 -5.94 -4.67 14.11
C ALA A 291 -7.39 -4.18 14.22
N ALA A 292 -7.59 -2.88 14.07
CA ALA A 292 -8.93 -2.32 14.15
C ALA A 292 -9.78 -2.79 12.97
N SER A 293 -9.15 -2.96 11.81
CA SER A 293 -9.87 -3.40 10.63
C SER A 293 -10.47 -4.80 10.79
N GLN A 294 -9.91 -5.59 11.71
CA GLN A 294 -10.41 -6.94 11.92
C GLN A 294 -11.88 -6.99 12.35
N PHE A 295 -12.39 -5.93 12.97
CA PHE A 295 -13.80 -5.93 13.35
C PHE A 295 -14.62 -4.94 12.53
N SER A 296 -14.00 -4.38 11.49
CA SER A 296 -14.70 -3.41 10.64
C SER A 296 -15.93 -3.98 9.93
N PRO A 297 -16.01 -5.31 9.73
CA PRO A 297 -17.22 -5.79 9.05
C PRO A 297 -18.48 -5.51 9.86
N ALA A 298 -18.32 -5.15 11.13
CA ALA A 298 -19.45 -4.89 12.00
C ALA A 298 -19.78 -3.40 12.17
N VAL A 299 -19.03 -2.53 11.50
CA VAL A 299 -19.26 -1.09 11.63
C VAL A 299 -20.00 -0.46 10.45
N ASP A 300 -20.60 0.70 10.70
CA ASP A 300 -21.35 1.43 9.69
C ASP A 300 -20.46 2.41 8.93
N PHE A 301 -19.49 2.99 9.64
CA PHE A 301 -18.56 3.94 9.07
C PHE A 301 -17.17 3.65 9.61
N ALA A 302 -16.16 3.97 8.83
CA ALA A 302 -14.80 3.75 9.25
C ALA A 302 -13.85 4.80 8.73
N ASP A 303 -13.01 5.30 9.63
CA ASP A 303 -11.96 6.26 9.27
C ASP A 303 -10.73 5.44 9.65
N LEU A 304 -10.30 4.61 8.70
CA LEU A 304 -9.16 3.71 8.90
C LEU A 304 -8.10 3.95 7.84
N ASP A 305 -7.62 5.18 7.80
CA ASP A 305 -6.62 5.62 6.83
C ASP A 305 -5.36 6.16 7.50
N GLY A 306 -5.22 5.92 8.80
CA GLY A 306 -4.08 6.44 9.54
C GLY A 306 -2.69 6.18 8.99
N ASN A 307 -2.48 4.99 8.43
CA ASN A 307 -1.19 4.62 7.88
C ASN A 307 -0.88 5.36 6.59
N LEU A 308 -1.91 5.80 5.89
CA LEU A 308 -1.72 6.50 4.63
C LEU A 308 -1.07 7.87 4.82
N LEU A 309 -1.14 8.40 6.04
CA LEU A 309 -0.55 9.71 6.32
C LEU A 309 0.88 9.66 6.82
N ILE A 310 1.43 8.47 7.02
CA ILE A 310 2.81 8.37 7.49
C ILE A 310 3.71 7.86 6.36
N SER A 311 4.99 8.22 6.46
CA SER A 311 5.95 7.82 5.45
C SER A 311 6.85 6.68 5.88
N ASN A 312 6.73 6.25 7.13
CA ASN A 312 7.58 5.16 7.63
C ASN A 312 6.82 3.98 8.24
N ASP A 313 5.84 3.48 7.49
CA ASP A 313 5.06 2.33 7.96
C ASP A 313 6.02 1.14 8.09
N ARG A 314 5.83 0.32 9.13
CA ARG A 314 6.69 -0.83 9.37
C ARG A 314 6.04 -2.15 8.94
N PHE A 315 4.79 -2.09 8.52
CA PHE A 315 4.06 -3.31 8.15
C PHE A 315 3.24 -3.17 6.89
N LYS A 316 2.95 -4.32 6.28
CA LYS A 316 2.07 -4.36 5.12
C LYS A 316 0.86 -5.10 5.68
N GLY A 317 -0.28 -4.43 5.70
CA GLY A 317 -1.49 -5.05 6.22
C GLY A 317 -2.69 -4.77 5.35
N VAL A 318 -3.78 -4.32 5.94
CA VAL A 318 -4.98 -4.02 5.18
C VAL A 318 -4.68 -2.95 4.14
N GLU A 319 -5.39 -3.02 3.03
CA GLU A 319 -5.20 -2.06 1.95
C GLU A 319 -6.54 -1.49 1.56
N VAL A 320 -6.50 -0.33 0.90
CA VAL A 320 -7.71 0.31 0.42
C VAL A 320 -7.82 -0.08 -1.05
N VAL A 321 -8.87 -0.80 -1.38
CA VAL A 321 -9.11 -1.28 -2.73
C VAL A 321 -10.53 -0.87 -3.13
N ASN A 322 -10.65 -0.11 -4.21
CA ASN A 322 -11.95 0.38 -4.66
C ASN A 322 -12.56 1.15 -3.49
N GLY A 323 -11.71 1.84 -2.74
CA GLY A 323 -12.13 2.63 -1.59
C GLY A 323 -12.55 1.84 -0.37
N LYS A 324 -12.44 0.52 -0.46
CA LYS A 324 -12.86 -0.38 0.62
C LYS A 324 -11.69 -0.93 1.44
N ILE A 325 -11.87 -0.98 2.77
CA ILE A 325 -10.85 -1.54 3.64
C ILE A 325 -10.81 -3.01 3.24
N THR A 326 -9.63 -3.51 2.92
CA THR A 326 -9.50 -4.89 2.46
C THR A 326 -8.57 -5.73 3.31
N LEU A 327 -9.16 -6.73 3.96
CA LEU A 327 -8.43 -7.64 4.82
C LEU A 327 -7.78 -8.75 4.02
N ASN A 328 -6.54 -9.09 4.36
CA ASN A 328 -5.85 -10.19 3.69
C ASN A 328 -6.13 -11.43 4.56
N ASP A 329 -5.55 -12.56 4.20
CA ASP A 329 -5.79 -13.77 4.97
C ASP A 329 -4.71 -14.13 5.98
N LEU A 330 -3.82 -13.18 6.27
CA LEU A 330 -2.76 -13.44 7.24
C LEU A 330 -3.41 -13.57 8.62
N PRO A 331 -2.91 -14.51 9.44
CA PRO A 331 -3.44 -14.74 10.79
C PRO A 331 -3.18 -13.57 11.73
N GLY A 332 -3.83 -13.60 12.90
CA GLY A 332 -3.63 -12.53 13.86
C GLY A 332 -4.29 -11.24 13.41
N ILE A 333 -3.53 -10.14 13.45
CA ILE A 333 -4.08 -8.85 13.03
C ILE A 333 -3.92 -8.62 11.53
N GLY A 334 -3.34 -9.59 10.84
CA GLY A 334 -3.19 -9.50 9.39
C GLY A 334 -2.09 -8.63 8.82
N VAL A 335 -0.91 -8.69 9.41
CA VAL A 335 0.20 -7.88 8.91
C VAL A 335 1.46 -8.69 8.68
N MET A 336 2.32 -8.16 7.83
CA MET A 336 3.62 -8.74 7.54
C MET A 336 4.60 -7.65 7.90
N LYS A 337 5.63 -8.00 8.66
CA LYS A 337 6.65 -7.03 9.04
C LYS A 337 7.53 -6.78 7.81
N LYS B 2 5.45 22.07 -20.04
CA LYS B 2 6.54 22.39 -19.07
C LYS B 2 6.99 21.13 -18.33
N MET B 3 8.24 20.74 -18.54
CA MET B 3 8.75 19.54 -17.86
C MET B 3 9.78 19.92 -16.80
N THR B 4 9.60 19.36 -15.60
CA THR B 4 10.52 19.58 -14.50
C THR B 4 10.99 18.23 -14.02
N PHE B 5 12.14 18.19 -13.37
CA PHE B 5 12.69 16.93 -12.90
C PHE B 5 13.72 17.14 -11.80
N PHE B 6 13.86 16.15 -10.93
CA PHE B 6 14.80 16.25 -9.82
C PHE B 6 15.19 14.88 -9.31
N PRO B 7 16.39 14.77 -8.72
CA PRO B 7 16.86 13.48 -8.18
C PRO B 7 16.03 13.09 -6.96
N TYR B 8 15.76 11.80 -6.83
CA TYR B 8 14.98 11.28 -5.71
C TYR B 8 15.49 9.88 -5.40
N GLU B 9 16.55 9.79 -4.61
CA GLU B 9 17.12 8.49 -4.29
C GLU B 9 16.15 7.59 -3.55
N LEU B 10 16.02 6.36 -4.01
CA LEU B 10 15.14 5.40 -3.37
C LEU B 10 15.89 4.75 -2.22
N LYS B 11 15.20 4.61 -1.09
CA LYS B 11 15.79 3.98 0.08
C LYS B 11 15.21 2.58 0.17
N LEU B 12 16.05 1.56 0.10
CA LEU B 12 15.55 0.20 0.16
C LEU B 12 15.40 -0.23 1.61
N ARG B 13 14.42 -1.10 1.86
CA ARG B 13 14.13 -1.59 3.19
C ARG B 13 15.20 -2.55 3.71
N HIS B 14 15.80 -3.30 2.81
CA HIS B 14 16.84 -4.27 3.17
C HIS B 14 17.85 -4.37 2.04
N VAL B 15 18.97 -5.05 2.28
CA VAL B 15 19.98 -5.22 1.24
C VAL B 15 19.32 -5.99 0.09
N PHE B 16 19.51 -5.50 -1.12
CA PHE B 16 18.95 -6.12 -2.32
C PHE B 16 20.10 -6.58 -3.21
N THR B 17 20.06 -7.84 -3.64
CA THR B 17 21.13 -8.39 -4.45
C THR B 17 20.75 -8.81 -5.87
N VAL B 18 21.61 -8.44 -6.81
CA VAL B 18 21.45 -8.78 -8.22
C VAL B 18 22.81 -9.33 -8.66
N ALA B 19 22.86 -10.62 -8.94
CA ALA B 19 24.11 -11.25 -9.35
C ALA B 19 25.16 -11.01 -8.26
N THR B 20 26.26 -10.35 -8.61
CA THR B 20 27.32 -10.08 -7.64
C THR B 20 27.27 -8.67 -7.08
N TYR B 21 26.12 -8.00 -7.25
CA TYR B 21 25.94 -6.63 -6.77
C TYR B 21 24.83 -6.49 -5.74
N SER B 22 25.15 -5.87 -4.61
CA SER B 22 24.18 -5.66 -3.55
C SER B 22 24.09 -4.18 -3.23
N ARG B 23 22.93 -3.72 -2.79
CA ARG B 23 22.76 -2.31 -2.47
C ARG B 23 21.58 -2.07 -1.56
N THR B 24 21.55 -0.92 -0.91
CA THR B 24 20.44 -0.56 -0.03
C THR B 24 19.77 0.74 -0.48
N THR B 25 20.18 1.25 -1.64
CA THR B 25 19.59 2.46 -2.21
C THR B 25 19.60 2.36 -3.74
N THR B 26 18.83 3.21 -4.40
CA THR B 26 18.79 3.21 -5.86
C THR B 26 18.64 4.61 -6.42
N PRO B 27 19.60 5.04 -7.26
CA PRO B 27 19.50 6.38 -7.86
C PRO B 27 18.20 6.43 -8.66
N ASP B 28 17.53 7.58 -8.63
CA ASP B 28 16.23 7.70 -9.29
C ASP B 28 15.98 9.19 -9.56
N VAL B 29 15.27 9.48 -10.65
CA VAL B 29 14.92 10.86 -10.98
C VAL B 29 13.42 10.90 -11.24
N GLN B 30 12.76 11.86 -10.60
CA GLN B 30 11.32 12.03 -10.73
C GLN B 30 11.03 13.14 -11.73
N VAL B 31 10.09 12.88 -12.63
CA VAL B 31 9.73 13.83 -13.67
C VAL B 31 8.27 14.23 -13.65
N GLU B 32 8.00 15.47 -14.04
CA GLU B 32 6.64 15.98 -14.10
C GLU B 32 6.46 16.81 -15.38
N ILE B 33 5.36 16.59 -16.07
CA ILE B 33 5.05 17.35 -17.28
C ILE B 33 3.69 17.99 -17.06
N GLU B 34 3.67 19.32 -17.12
CA GLU B 34 2.45 20.07 -16.90
C GLU B 34 1.90 20.64 -18.20
N TYR B 35 0.59 20.60 -18.34
CA TYR B 35 -0.11 21.10 -19.52
C TYR B 35 -1.49 21.57 -19.09
N GLU B 36 -1.76 22.85 -19.28
CA GLU B 36 -3.04 23.44 -18.93
C GLU B 36 -3.55 23.04 -17.54
N GLY B 37 -2.66 23.08 -16.56
CA GLY B 37 -3.05 22.76 -15.19
C GLY B 37 -3.09 21.28 -14.82
N VAL B 38 -2.82 20.41 -15.79
CA VAL B 38 -2.81 18.98 -15.53
C VAL B 38 -1.37 18.50 -15.49
N THR B 39 -1.06 17.62 -14.54
CA THR B 39 0.30 17.13 -14.37
C THR B 39 0.45 15.62 -14.55
N GLY B 40 1.40 15.25 -15.40
CA GLY B 40 1.69 13.84 -15.63
C GLY B 40 2.97 13.50 -14.89
N TYR B 41 2.98 12.38 -14.17
CA TYR B 41 4.14 11.95 -13.40
C TYR B 41 4.96 10.87 -14.08
N GLY B 42 6.27 11.07 -14.11
CA GLY B 42 7.17 10.11 -14.73
C GLY B 42 8.32 9.78 -13.79
N GLU B 43 9.08 8.76 -14.15
CA GLU B 43 10.19 8.32 -13.31
C GLU B 43 11.25 7.54 -14.06
N ALA B 44 12.49 7.72 -13.62
CA ALA B 44 13.63 6.99 -14.17
C ALA B 44 14.27 6.33 -12.94
N SER B 45 14.51 5.03 -13.02
CA SER B 45 15.16 4.30 -11.93
C SER B 45 16.46 3.80 -12.50
N MET B 46 17.55 3.98 -11.76
CA MET B 46 18.85 3.60 -12.26
C MET B 46 19.69 2.63 -11.44
N PRO B 47 19.41 1.32 -11.55
CA PRO B 47 20.23 0.36 -10.79
C PRO B 47 21.65 0.67 -11.29
N PRO B 48 22.59 0.88 -10.37
CA PRO B 48 23.97 1.18 -10.77
C PRO B 48 24.62 0.40 -11.92
N TYR B 49 24.51 -0.91 -11.89
CA TYR B 49 25.13 -1.74 -12.91
C TYR B 49 24.56 -1.58 -14.33
N LEU B 50 23.42 -0.92 -14.48
CA LEU B 50 22.84 -0.75 -15.80
C LEU B 50 23.42 0.42 -16.59
N GLY B 51 24.29 1.20 -15.97
CA GLY B 51 24.94 2.27 -16.71
C GLY B 51 24.39 3.68 -16.70
N GLU B 52 23.25 3.91 -16.06
CA GLU B 52 22.73 5.27 -16.01
C GLU B 52 22.92 5.79 -14.60
N THR B 53 23.01 7.10 -14.45
CA THR B 53 23.21 7.73 -13.16
C THR B 53 22.35 8.97 -13.04
N VAL B 54 22.32 9.57 -11.84
CA VAL B 54 21.55 10.78 -11.65
C VAL B 54 22.09 11.81 -12.64
N GLU B 55 23.41 11.88 -12.76
CA GLU B 55 24.03 12.82 -13.68
C GLU B 55 23.64 12.58 -15.14
N SER B 56 23.74 11.34 -15.61
CA SER B 56 23.41 11.07 -17.01
C SER B 56 21.94 11.32 -17.31
N VAL B 57 21.07 10.95 -16.37
CA VAL B 57 19.64 11.16 -16.57
C VAL B 57 19.27 12.63 -16.54
N MET B 58 19.80 13.37 -15.55
CA MET B 58 19.52 14.80 -15.46
C MET B 58 20.05 15.50 -16.71
N ASN B 59 21.24 15.11 -17.15
CA ASN B 59 21.83 15.72 -18.33
C ASN B 59 21.01 15.42 -19.58
N PHE B 60 20.48 14.21 -19.68
CA PHE B 60 19.66 13.87 -20.83
C PHE B 60 18.38 14.71 -20.82
N LEU B 61 17.73 14.76 -19.66
CA LEU B 61 16.48 15.51 -19.54
C LEU B 61 16.65 16.99 -19.87
N LYS B 62 17.83 17.52 -19.59
CA LYS B 62 18.10 18.93 -19.89
C LYS B 62 18.20 19.18 -21.39
N LYS B 63 18.27 18.11 -22.18
CA LYS B 63 18.35 18.22 -23.63
C LYS B 63 16.97 18.21 -24.26
N VAL B 64 15.98 17.78 -23.47
CA VAL B 64 14.61 17.68 -23.97
C VAL B 64 13.82 18.98 -23.95
N ASN B 65 13.33 19.38 -25.13
CA ASN B 65 12.53 20.58 -25.26
C ASN B 65 11.11 20.17 -25.62
N LEU B 66 10.23 20.16 -24.62
CA LEU B 66 8.84 19.80 -24.84
C LEU B 66 7.97 21.05 -24.97
N GLU B 67 8.58 22.21 -24.72
CA GLU B 67 7.83 23.45 -24.81
C GLU B 67 7.52 23.79 -26.27
N GLN B 68 8.29 23.19 -27.18
CA GLN B 68 8.10 23.42 -28.61
C GLN B 68 6.92 22.60 -29.15
N PHE B 69 6.39 21.70 -28.33
CA PHE B 69 5.26 20.86 -28.70
C PHE B 69 4.01 21.41 -28.03
N SER B 70 2.99 21.71 -28.82
CA SER B 70 1.76 22.28 -28.29
C SER B 70 0.66 21.26 -27.99
N ASP B 71 0.89 20.01 -28.39
CA ASP B 71 -0.12 18.97 -28.21
C ASP B 71 0.45 17.68 -27.61
N PRO B 72 0.17 17.40 -26.33
CA PRO B 72 0.65 16.21 -25.63
C PRO B 72 0.24 14.88 -26.26
N PHE B 73 -0.82 14.92 -27.06
CA PHE B 73 -1.32 13.70 -27.72
C PHE B 73 -0.45 13.24 -28.89
N GLN B 74 0.51 14.06 -29.28
CA GLN B 74 1.42 13.72 -30.38
C GLN B 74 2.52 12.81 -29.85
N LEU B 75 2.11 11.70 -29.23
CA LEU B 75 3.09 10.78 -28.65
C LEU B 75 4.09 10.20 -29.64
N GLU B 76 3.64 9.89 -30.84
CA GLU B 76 4.54 9.33 -31.85
C GLU B 76 5.66 10.33 -32.17
N ASP B 77 5.27 11.55 -32.52
CA ASP B 77 6.23 12.59 -32.86
C ASP B 77 7.12 12.98 -31.68
N ILE B 78 6.51 13.22 -30.52
CA ILE B 78 7.25 13.63 -29.34
C ILE B 78 8.27 12.58 -28.89
N LEU B 79 7.84 11.33 -28.77
CA LEU B 79 8.76 10.30 -28.30
C LEU B 79 9.82 9.92 -29.34
N SER B 80 9.53 10.14 -30.61
CA SER B 80 10.53 9.85 -31.65
C SER B 80 11.61 10.92 -31.50
N TYR B 81 11.18 12.15 -31.22
CA TYR B 81 12.09 13.27 -31.02
C TYR B 81 12.95 12.99 -29.79
N VAL B 82 12.32 12.56 -28.71
CA VAL B 82 13.05 12.27 -27.49
C VAL B 82 14.09 11.17 -27.73
N ASP B 83 13.72 10.12 -28.44
CA ASP B 83 14.65 9.01 -28.69
C ASP B 83 15.84 9.48 -29.54
N SER B 84 15.60 10.43 -30.44
CA SER B 84 16.66 10.93 -31.31
C SER B 84 17.76 11.73 -30.64
N LEU B 85 17.51 12.21 -29.42
CA LEU B 85 18.47 13.03 -28.69
C LEU B 85 19.76 12.34 -28.25
N SER B 86 19.74 11.01 -28.16
CA SER B 86 20.92 10.25 -27.77
C SER B 86 20.73 8.80 -28.18
N PRO B 87 21.81 8.02 -28.26
CA PRO B 87 21.66 6.62 -28.66
C PRO B 87 20.98 5.71 -27.63
N LYS B 88 21.22 5.97 -26.35
CA LYS B 88 20.64 5.13 -25.31
C LYS B 88 19.85 5.90 -24.25
N ASP B 89 20.36 5.95 -23.02
CA ASP B 89 19.67 6.66 -21.94
C ASP B 89 18.21 6.23 -21.87
N THR B 90 17.98 4.92 -21.95
CA THR B 90 16.61 4.41 -21.96
C THR B 90 15.78 4.70 -20.71
N ALA B 91 16.40 4.75 -19.53
CA ALA B 91 15.65 5.05 -18.32
C ALA B 91 15.23 6.51 -18.34
N ALA B 92 16.14 7.39 -18.76
CA ALA B 92 15.83 8.82 -18.85
C ALA B 92 14.66 9.01 -19.82
N LYS B 93 14.73 8.32 -20.95
CA LYS B 93 13.68 8.42 -21.96
C LYS B 93 12.36 7.84 -21.44
N ALA B 94 12.44 6.75 -20.68
CA ALA B 94 11.23 6.15 -20.12
C ALA B 94 10.52 7.13 -19.19
N ALA B 95 11.28 7.91 -18.44
CA ALA B 95 10.67 8.88 -17.54
C ALA B 95 9.79 9.86 -18.29
N VAL B 96 10.27 10.33 -19.44
CA VAL B 96 9.50 11.28 -20.23
C VAL B 96 8.25 10.59 -20.78
N ASP B 97 8.42 9.38 -21.28
CA ASP B 97 7.32 8.60 -21.82
C ASP B 97 6.25 8.36 -20.76
N ILE B 98 6.66 7.94 -19.57
CA ILE B 98 5.70 7.67 -18.51
C ILE B 98 4.91 8.93 -18.12
N ALA B 99 5.61 10.05 -17.96
CA ALA B 99 4.95 11.30 -17.60
C ALA B 99 3.95 11.71 -18.69
N LEU B 100 4.34 11.54 -19.95
CA LEU B 100 3.48 11.90 -21.07
C LEU B 100 2.23 11.03 -21.12
N HIS B 101 2.38 9.74 -20.84
CA HIS B 101 1.22 8.86 -20.85
C HIS B 101 0.30 9.21 -19.71
N ASP B 102 0.88 9.51 -18.55
CA ASP B 102 0.05 9.87 -17.40
C ASP B 102 -0.74 11.13 -17.76
N LEU B 103 -0.08 12.10 -18.35
CA LEU B 103 -0.72 13.35 -18.76
C LEU B 103 -1.83 13.09 -19.77
N VAL B 104 -1.53 12.35 -20.83
CA VAL B 104 -2.51 12.05 -21.86
C VAL B 104 -3.72 11.29 -21.31
N GLY B 105 -3.48 10.30 -20.45
CA GLY B 105 -4.58 9.54 -19.88
C GLY B 105 -5.45 10.45 -19.03
N LYS B 106 -4.81 11.38 -18.32
CA LYS B 106 -5.57 12.32 -17.49
C LYS B 106 -6.42 13.24 -18.35
N LEU B 107 -5.88 13.66 -19.49
CA LEU B 107 -6.63 14.53 -20.39
C LEU B 107 -7.80 13.79 -21.01
N LEU B 108 -7.64 12.48 -21.19
CA LEU B 108 -8.70 11.64 -21.75
C LEU B 108 -9.65 11.13 -20.68
N GLY B 109 -9.23 11.21 -19.41
CA GLY B 109 -10.06 10.73 -18.33
C GLY B 109 -10.15 9.21 -18.29
N ALA B 110 -9.06 8.54 -18.62
CA ALA B 110 -9.05 7.08 -18.62
C ALA B 110 -7.67 6.49 -18.32
N PRO B 111 -7.64 5.32 -17.68
CA PRO B 111 -6.38 4.65 -17.36
C PRO B 111 -5.89 4.01 -18.66
N TRP B 112 -4.58 3.81 -18.80
CA TRP B 112 -4.10 3.22 -20.03
C TRP B 112 -4.54 1.78 -20.28
N TYR B 113 -4.81 1.01 -19.23
CA TYR B 113 -5.26 -0.36 -19.48
C TYR B 113 -6.57 -0.29 -20.26
N LYS B 114 -7.38 0.74 -19.97
CA LYS B 114 -8.67 0.93 -20.61
C LYS B 114 -8.51 1.47 -22.04
N ILE B 115 -7.59 2.42 -22.21
CA ILE B 115 -7.32 2.99 -23.51
C ILE B 115 -6.82 1.87 -24.43
N TRP B 116 -6.01 0.97 -23.88
CA TRP B 116 -5.46 -0.13 -24.66
C TRP B 116 -6.48 -1.25 -24.87
N GLY B 117 -7.66 -1.11 -24.28
CA GLY B 117 -8.72 -2.09 -24.45
C GLY B 117 -8.58 -3.39 -23.67
N LEU B 118 -7.90 -3.32 -22.54
CA LEU B 118 -7.66 -4.51 -21.73
C LEU B 118 -8.62 -4.69 -20.55
N ASN B 119 -8.75 -5.94 -20.11
CA ASN B 119 -9.61 -6.31 -18.99
C ASN B 119 -8.74 -6.29 -17.73
N LYS B 120 -8.99 -5.33 -16.84
CA LYS B 120 -8.20 -5.21 -15.61
C LYS B 120 -8.29 -6.43 -14.70
N GLU B 121 -9.32 -7.25 -14.88
CA GLU B 121 -9.46 -8.44 -14.04
C GLU B 121 -8.48 -9.52 -14.47
N LYS B 122 -7.82 -9.32 -15.61
CA LYS B 122 -6.86 -10.29 -16.10
C LYS B 122 -5.42 -9.98 -15.68
N THR B 123 -5.26 -9.08 -14.71
CA THR B 123 -3.93 -8.75 -14.21
C THR B 123 -3.36 -10.02 -13.60
N PRO B 124 -2.03 -10.17 -13.64
CA PRO B 124 -1.37 -11.36 -13.09
C PRO B 124 -1.01 -11.28 -11.62
N SER B 125 -0.56 -12.42 -11.10
CA SER B 125 -0.07 -12.48 -9.73
C SER B 125 1.37 -12.00 -9.90
N THR B 126 1.86 -11.23 -8.95
CA THR B 126 3.23 -10.78 -9.03
C THR B 126 4.13 -11.65 -8.17
N THR B 127 5.34 -11.86 -8.63
CA THR B 127 6.30 -12.61 -7.83
C THR B 127 6.83 -11.66 -6.77
N PHE B 128 7.49 -12.24 -5.78
CA PHE B 128 8.13 -11.53 -4.69
C PHE B 128 9.38 -12.37 -4.47
N THR B 129 10.53 -11.72 -4.32
CA THR B 129 11.78 -12.44 -4.16
C THR B 129 12.17 -12.90 -2.77
N ILE B 130 12.70 -14.12 -2.70
CA ILE B 130 13.20 -14.66 -1.44
C ILE B 130 14.71 -14.55 -1.68
N GLY B 131 15.33 -13.58 -1.02
CA GLY B 131 16.76 -13.36 -1.20
C GLY B 131 17.67 -14.37 -0.55
N ILE B 132 18.88 -14.49 -1.09
CA ILE B 132 19.88 -15.40 -0.56
C ILE B 132 20.27 -14.98 0.85
N ASP B 133 20.39 -15.96 1.75
CA ASP B 133 20.74 -15.70 3.13
C ASP B 133 20.94 -17.05 3.81
N THR B 134 21.08 -17.06 5.13
CA THR B 134 21.25 -18.32 5.85
C THR B 134 19.95 -19.11 5.75
N PRO B 135 20.03 -20.44 5.84
CA PRO B 135 18.83 -21.29 5.76
C PRO B 135 17.72 -20.82 6.71
N ASP B 136 18.08 -20.54 7.96
CA ASP B 136 17.09 -20.08 8.93
C ASP B 136 16.40 -18.81 8.49
N VAL B 137 17.17 -17.83 8.02
CA VAL B 137 16.61 -16.57 7.56
C VAL B 137 15.75 -16.78 6.32
N VAL B 138 16.22 -17.61 5.40
CA VAL B 138 15.47 -17.89 4.18
C VAL B 138 14.12 -18.52 4.53
N ARG B 139 14.13 -19.50 5.42
CA ARG B 139 12.89 -20.15 5.83
C ARG B 139 11.96 -19.16 6.51
N ALA B 140 12.53 -18.29 7.34
CA ALA B 140 11.75 -17.30 8.07
C ALA B 140 11.07 -16.30 7.12
N LYS B 141 11.86 -15.70 6.24
CA LYS B 141 11.33 -14.73 5.28
C LYS B 141 10.30 -15.34 4.35
N THR B 142 10.48 -16.62 4.00
CA THR B 142 9.55 -17.31 3.12
C THR B 142 8.20 -17.44 3.83
N LYS B 143 8.25 -17.82 5.11
CA LYS B 143 7.03 -17.99 5.89
C LYS B 143 6.33 -16.65 6.14
N GLU B 144 7.11 -15.59 6.33
CA GLU B 144 6.56 -14.27 6.60
C GLU B 144 5.78 -13.64 5.45
N CYS B 145 6.12 -13.98 4.21
CA CYS B 145 5.45 -13.40 3.05
C CYS B 145 4.55 -14.35 2.26
N ALA B 146 4.82 -15.65 2.35
CA ALA B 146 4.06 -16.64 1.61
C ALA B 146 2.55 -16.42 1.58
N GLY B 147 1.99 -15.89 2.67
CA GLY B 147 0.56 -15.66 2.71
C GLY B 147 0.05 -14.49 1.90
N LEU B 148 0.96 -13.68 1.36
CA LEU B 148 0.55 -12.52 0.57
C LEU B 148 0.80 -12.66 -0.92
N PHE B 149 1.46 -13.74 -1.33
CA PHE B 149 1.77 -13.95 -2.74
C PHE B 149 1.37 -15.34 -3.22
N ASN B 150 1.19 -15.48 -4.52
CA ASN B 150 0.78 -16.74 -5.13
C ASN B 150 1.93 -17.44 -5.83
N ILE B 151 3.05 -16.73 -5.97
CA ILE B 151 4.22 -17.27 -6.65
C ILE B 151 5.44 -16.52 -6.13
N LEU B 152 6.53 -17.24 -5.92
CA LEU B 152 7.75 -16.62 -5.41
C LEU B 152 8.86 -16.67 -6.45
N LYS B 153 9.79 -15.73 -6.34
CA LYS B 153 10.92 -15.67 -7.25
C LYS B 153 12.21 -15.98 -6.51
N VAL B 154 13.07 -16.74 -7.15
CA VAL B 154 14.35 -17.09 -6.57
C VAL B 154 15.40 -16.86 -7.64
N LYS B 155 16.48 -16.20 -7.27
CA LYS B 155 17.55 -15.92 -8.21
C LYS B 155 18.59 -17.02 -8.13
N LEU B 156 18.85 -17.67 -9.26
CA LEU B 156 19.81 -18.75 -9.31
C LEU B 156 21.02 -18.35 -10.15
N GLY B 157 21.71 -19.35 -10.69
CA GLY B 157 22.89 -19.07 -11.48
C GLY B 157 24.00 -18.59 -10.56
N ARG B 158 23.91 -19.01 -9.31
CA ARG B 158 24.88 -18.63 -8.30
C ARG B 158 25.53 -19.86 -7.64
N ASP B 159 26.07 -19.66 -6.44
CA ASP B 159 26.76 -20.72 -5.71
C ASP B 159 25.92 -21.95 -5.36
N ASN B 160 25.01 -21.81 -4.40
CA ASN B 160 24.18 -22.93 -3.97
C ASN B 160 22.72 -22.83 -4.40
N ASP B 161 22.47 -23.01 -5.69
CA ASP B 161 21.12 -22.94 -6.23
C ASP B 161 20.21 -24.03 -5.68
N LYS B 162 20.66 -25.28 -5.73
CA LYS B 162 19.86 -26.38 -5.24
C LYS B 162 19.50 -26.24 -3.77
N GLU B 163 20.47 -25.84 -2.95
CA GLU B 163 20.22 -25.67 -1.52
C GLU B 163 19.14 -24.62 -1.27
N MET B 164 19.22 -23.51 -2.00
CA MET B 164 18.23 -22.44 -1.84
C MET B 164 16.82 -22.96 -2.14
N ILE B 165 16.68 -23.66 -3.25
CA ILE B 165 15.38 -24.21 -3.63
C ILE B 165 14.89 -25.20 -2.58
N GLU B 166 15.77 -26.09 -2.13
CA GLU B 166 15.42 -27.08 -1.12
C GLU B 166 14.94 -26.42 0.16
N THR B 167 15.67 -25.38 0.59
CA THR B 167 15.34 -24.66 1.81
C THR B 167 13.95 -24.02 1.72
N ILE B 168 13.70 -23.33 0.61
CA ILE B 168 12.42 -22.66 0.41
C ILE B 168 11.28 -23.69 0.31
N ARG B 169 11.49 -24.73 -0.47
CA ARG B 169 10.48 -25.75 -0.66
C ARG B 169 10.13 -26.49 0.63
N SER B 170 11.02 -26.43 1.63
CA SER B 170 10.77 -27.11 2.89
C SER B 170 9.74 -26.39 3.75
N VAL B 171 9.41 -25.16 3.38
CA VAL B 171 8.44 -24.40 4.17
C VAL B 171 7.28 -23.83 3.36
N THR B 172 7.22 -24.12 2.07
CA THR B 172 6.14 -23.63 1.22
C THR B 172 5.94 -24.49 -0.02
N ASP B 173 4.69 -24.60 -0.47
CA ASP B 173 4.35 -25.37 -1.65
C ASP B 173 4.00 -24.43 -2.80
N LEU B 174 4.27 -23.14 -2.63
CA LEU B 174 3.97 -22.16 -3.67
C LEU B 174 4.81 -22.35 -4.91
N PRO B 175 4.24 -22.05 -6.09
CA PRO B 175 5.02 -22.21 -7.32
C PRO B 175 6.16 -21.20 -7.27
N ILE B 176 7.26 -21.51 -7.94
CA ILE B 176 8.42 -20.65 -7.95
C ILE B 176 8.87 -20.34 -9.38
N ALA B 177 9.24 -19.09 -9.60
CA ALA B 177 9.77 -18.66 -10.90
C ALA B 177 11.23 -18.39 -10.58
N VAL B 178 12.14 -18.80 -11.47
CA VAL B 178 13.55 -18.59 -11.24
C VAL B 178 14.20 -17.72 -12.31
N ASP B 179 15.20 -16.95 -11.90
CA ASP B 179 15.93 -16.10 -12.83
C ASP B 179 17.39 -16.49 -12.65
N ALA B 180 17.98 -17.08 -13.69
CA ALA B 180 19.38 -17.51 -13.63
C ALA B 180 20.35 -16.41 -14.03
N ASN B 181 19.82 -15.32 -14.59
CA ASN B 181 20.64 -14.18 -15.00
C ASN B 181 21.92 -14.55 -15.73
N GLN B 182 21.80 -15.29 -16.83
CA GLN B 182 22.97 -15.67 -17.61
C GLN B 182 23.99 -16.43 -16.78
N GLY B 183 23.54 -17.05 -15.69
CA GLY B 183 24.45 -17.76 -14.82
C GLY B 183 24.99 -19.10 -15.30
N TRP B 184 24.24 -19.81 -16.14
CA TRP B 184 24.68 -21.11 -16.62
C TRP B 184 25.31 -21.06 -18.01
N LYS B 185 26.62 -21.26 -18.05
CA LYS B 185 27.37 -21.26 -19.32
C LYS B 185 27.35 -22.62 -20.00
N ASP B 186 27.06 -23.67 -19.24
CA ASP B 186 27.03 -25.02 -19.80
C ASP B 186 25.62 -25.40 -20.24
N ARG B 187 25.47 -25.62 -21.54
CA ARG B 187 24.19 -25.98 -22.13
C ARG B 187 23.50 -27.17 -21.48
N GLN B 188 24.26 -28.24 -21.24
CA GLN B 188 23.70 -29.44 -20.63
C GLN B 188 23.34 -29.22 -19.15
N TYR B 189 24.17 -28.45 -18.44
CA TYR B 189 23.91 -28.18 -17.04
C TYR B 189 22.59 -27.41 -16.89
N ALA B 190 22.37 -26.45 -17.79
CA ALA B 190 21.16 -25.65 -17.76
C ALA B 190 19.93 -26.52 -17.97
N LEU B 191 19.99 -27.41 -18.95
CA LEU B 191 18.87 -28.29 -19.23
C LEU B 191 18.60 -29.23 -18.05
N ASP B 192 19.66 -29.79 -17.49
CA ASP B 192 19.50 -30.69 -16.35
C ASP B 192 18.91 -29.94 -15.17
N MET B 193 19.36 -28.71 -14.94
CA MET B 193 18.85 -27.90 -13.85
C MET B 193 17.35 -27.64 -14.06
N ILE B 194 16.98 -27.35 -15.29
CA ILE B 194 15.58 -27.09 -15.61
C ILE B 194 14.70 -28.28 -15.26
N HIS B 195 15.15 -29.48 -15.60
CA HIS B 195 14.37 -30.67 -15.27
C HIS B 195 14.25 -30.85 -13.77
N TRP B 196 15.33 -30.58 -13.05
CA TRP B 196 15.33 -30.71 -11.59
C TRP B 196 14.39 -29.67 -10.98
N LEU B 197 14.47 -28.44 -11.47
CA LEU B 197 13.62 -27.37 -10.97
C LEU B 197 12.15 -27.70 -11.23
N LYS B 198 11.86 -28.24 -12.41
CA LYS B 198 10.49 -28.61 -12.76
C LYS B 198 9.97 -29.61 -11.72
N GLU B 199 10.82 -30.56 -11.34
CA GLU B 199 10.45 -31.56 -10.35
C GLU B 199 10.18 -30.92 -8.99
N LYS B 200 10.85 -29.80 -8.73
CA LYS B 200 10.70 -29.09 -7.46
C LYS B 200 9.62 -28.01 -7.45
N GLY B 201 8.77 -28.01 -8.48
CA GLY B 201 7.69 -27.04 -8.50
C GLY B 201 7.97 -25.67 -9.08
N ILE B 202 9.04 -25.55 -9.86
CA ILE B 202 9.36 -24.28 -10.50
C ILE B 202 8.51 -24.27 -11.77
N VAL B 203 7.94 -23.11 -12.11
CA VAL B 203 7.06 -23.01 -13.26
C VAL B 203 7.52 -22.14 -14.42
N MET B 204 8.66 -21.48 -14.25
CA MET B 204 9.17 -20.60 -15.31
C MET B 204 10.64 -20.34 -15.07
N ILE B 205 11.39 -20.21 -16.18
CA ILE B 205 12.82 -19.97 -16.12
C ILE B 205 13.16 -18.75 -16.94
N GLU B 206 13.98 -17.88 -16.37
CA GLU B 206 14.36 -16.64 -17.02
C GLU B 206 15.88 -16.61 -17.31
N GLN B 207 16.23 -16.27 -18.55
CA GLN B 207 17.62 -16.14 -19.01
C GLN B 207 18.59 -17.14 -18.39
N PRO B 208 18.44 -18.43 -18.72
CA PRO B 208 19.33 -19.46 -18.17
C PRO B 208 20.78 -19.34 -18.58
N MET B 209 21.03 -18.86 -19.79
CA MET B 209 22.40 -18.74 -20.29
C MET B 209 22.76 -17.35 -20.81
N PRO B 210 24.05 -17.09 -21.05
CA PRO B 210 24.51 -15.79 -21.55
C PRO B 210 23.86 -15.47 -22.90
N LYS B 211 23.56 -14.20 -23.12
CA LYS B 211 22.92 -13.77 -24.36
C LYS B 211 23.76 -14.09 -25.60
N GLU B 212 25.07 -14.24 -25.42
CA GLU B 212 25.96 -14.54 -26.53
C GLU B 212 25.73 -15.97 -27.05
N GLN B 213 25.21 -16.83 -26.19
CA GLN B 213 24.96 -18.21 -26.55
C GLN B 213 23.51 -18.48 -26.94
N LEU B 214 23.01 -17.68 -27.88
CA LEU B 214 21.63 -17.83 -28.34
C LEU B 214 21.40 -19.23 -28.89
N ASP B 215 22.42 -19.77 -29.55
CA ASP B 215 22.33 -21.11 -30.12
C ASP B 215 22.07 -22.14 -29.04
N ASP B 216 22.83 -22.06 -27.95
CA ASP B 216 22.66 -22.99 -26.85
C ASP B 216 21.32 -22.80 -26.18
N ILE B 217 20.91 -21.54 -26.03
CA ILE B 217 19.63 -21.23 -25.40
C ILE B 217 18.50 -21.88 -26.19
N ALA B 218 18.59 -21.77 -27.52
CA ALA B 218 17.57 -22.35 -28.39
C ALA B 218 17.51 -23.86 -28.20
N TRP B 219 18.68 -24.49 -28.06
CA TRP B 219 18.75 -25.93 -27.86
C TRP B 219 18.02 -26.32 -26.58
N VAL B 220 18.23 -25.55 -25.52
CA VAL B 220 17.61 -25.80 -24.24
C VAL B 220 16.09 -25.61 -24.31
N THR B 221 15.66 -24.45 -24.79
CA THR B 221 14.24 -24.13 -24.89
C THR B 221 13.44 -25.17 -25.67
N GLN B 222 14.02 -25.69 -26.74
CA GLN B 222 13.35 -26.69 -27.56
C GLN B 222 13.05 -27.98 -26.79
N GLN B 223 13.83 -28.24 -25.75
CA GLN B 223 13.66 -29.44 -24.94
C GLN B 223 13.14 -29.14 -23.53
N SER B 224 12.96 -27.87 -23.21
CA SER B 224 12.50 -27.48 -21.88
C SER B 224 11.02 -27.71 -21.60
N PRO B 225 10.69 -28.27 -20.43
CA PRO B 225 9.29 -28.52 -20.06
C PRO B 225 8.70 -27.24 -19.44
N LEU B 226 9.55 -26.25 -19.23
CA LEU B 226 9.12 -24.98 -18.66
C LEU B 226 9.38 -23.83 -19.64
N PRO B 227 8.52 -22.79 -19.58
CA PRO B 227 8.72 -21.66 -20.48
C PRO B 227 10.02 -20.94 -20.11
N VAL B 228 10.78 -20.55 -21.13
CA VAL B 228 12.05 -19.85 -20.93
C VAL B 228 11.92 -18.44 -21.47
N PHE B 229 12.11 -17.45 -20.59
CA PHE B 229 11.98 -16.05 -20.97
C PHE B 229 13.30 -15.33 -21.11
N ALA B 230 13.36 -14.44 -22.09
CA ALA B 230 14.55 -13.64 -22.35
C ALA B 230 14.49 -12.32 -21.58
N ASP B 231 15.61 -11.93 -21.00
CA ASP B 231 15.69 -10.67 -20.26
C ASP B 231 16.94 -9.94 -20.72
N GLU B 232 18.11 -10.37 -20.27
CA GLU B 232 19.34 -9.73 -20.67
C GLU B 232 19.54 -9.83 -22.19
N SER B 233 18.87 -10.79 -22.82
CA SER B 233 18.96 -10.98 -24.26
C SER B 233 18.25 -9.89 -25.08
N LEU B 234 17.56 -8.96 -24.42
CA LEU B 234 16.89 -7.89 -25.16
C LEU B 234 16.66 -6.65 -24.31
N GLN B 235 16.55 -5.51 -24.98
CA GLN B 235 16.29 -4.26 -24.28
C GLN B 235 15.12 -3.54 -24.93
N ARG B 236 15.18 -3.40 -26.24
CA ARG B 236 14.17 -2.67 -26.99
C ARG B 236 13.46 -3.44 -28.09
N LEU B 237 12.52 -2.76 -28.75
CA LEU B 237 11.71 -3.36 -29.81
C LEU B 237 12.54 -4.06 -30.88
N GLY B 238 13.63 -3.41 -31.30
CA GLY B 238 14.47 -3.97 -32.33
C GLY B 238 15.25 -5.23 -31.96
N ASP B 239 15.18 -5.63 -30.70
CA ASP B 239 15.89 -6.83 -30.24
C ASP B 239 14.99 -8.07 -30.15
N VAL B 240 13.69 -7.87 -30.30
CA VAL B 240 12.73 -8.96 -30.16
C VAL B 240 12.72 -10.06 -31.22
N ALA B 241 12.63 -9.67 -32.49
CA ALA B 241 12.56 -10.63 -33.59
C ALA B 241 13.64 -11.69 -33.60
N ALA B 242 14.87 -11.32 -33.28
CA ALA B 242 15.99 -12.25 -33.28
C ALA B 242 15.83 -13.39 -32.29
N LEU B 243 14.94 -13.22 -31.32
CA LEU B 243 14.74 -14.24 -30.30
C LEU B 243 13.67 -15.29 -30.63
N LYS B 244 12.93 -15.05 -31.71
CA LYS B 244 11.91 -16.01 -32.11
C LYS B 244 12.54 -17.37 -32.37
N GLY B 245 11.99 -18.40 -31.76
CA GLY B 245 12.52 -19.74 -31.95
C GLY B 245 13.58 -20.15 -30.94
N ALA B 246 14.13 -19.18 -30.22
CA ALA B 246 15.16 -19.46 -29.22
C ALA B 246 14.61 -19.37 -27.81
N PHE B 247 13.64 -18.48 -27.62
CA PHE B 247 13.01 -18.26 -26.32
C PHE B 247 11.49 -18.46 -26.41
N THR B 248 10.89 -18.86 -25.30
CA THR B 248 9.44 -19.06 -25.25
C THR B 248 8.77 -17.69 -25.21
N GLY B 249 9.44 -16.75 -24.55
CA GLY B 249 8.88 -15.41 -24.45
C GLY B 249 9.92 -14.37 -24.08
N ILE B 250 9.48 -13.13 -23.98
CA ILE B 250 10.37 -12.03 -23.61
C ILE B 250 9.92 -11.33 -22.35
N ASN B 251 10.88 -10.71 -21.68
CA ASN B 251 10.61 -9.93 -20.47
C ASN B 251 10.78 -8.46 -20.87
N ILE B 252 9.82 -7.63 -20.51
CA ILE B 252 9.84 -6.21 -20.84
C ILE B 252 9.95 -5.37 -19.57
N LYS B 253 10.83 -4.38 -19.58
CA LYS B 253 10.98 -3.46 -18.45
C LYS B 253 11.03 -2.05 -19.00
N LEU B 254 10.21 -1.17 -18.42
CA LEU B 254 10.15 0.21 -18.89
C LEU B 254 11.50 0.91 -18.91
N MET B 255 12.31 0.72 -17.88
CA MET B 255 13.61 1.39 -17.82
C MET B 255 14.57 0.91 -18.90
N LYS B 256 14.29 -0.25 -19.48
CA LYS B 256 15.14 -0.79 -20.53
C LYS B 256 14.64 -0.44 -21.94
N CYS B 257 13.32 -0.37 -22.10
CA CYS B 257 12.73 -0.15 -23.41
C CYS B 257 12.30 1.26 -23.83
N THR B 258 12.49 2.23 -22.92
CA THR B 258 12.14 3.66 -23.09
C THR B 258 10.69 3.99 -22.75
N GLY B 259 10.01 3.11 -22.04
CA GLY B 259 8.67 3.43 -21.63
C GLY B 259 7.50 2.62 -22.14
N MET B 260 6.31 3.11 -21.82
CA MET B 260 5.06 2.47 -22.16
C MET B 260 4.73 2.31 -23.64
N ARG B 261 5.03 3.31 -24.45
CA ARG B 261 4.70 3.20 -25.86
C ARG B 261 5.49 2.08 -26.52
N GLU B 262 6.80 2.04 -26.29
CA GLU B 262 7.60 0.98 -26.88
C GLU B 262 7.27 -0.37 -26.23
N ALA B 263 6.97 -0.37 -24.93
CA ALA B 263 6.64 -1.60 -24.24
C ALA B 263 5.42 -2.26 -24.88
N TRP B 264 4.39 -1.46 -25.14
CA TRP B 264 3.18 -2.00 -25.73
C TRP B 264 3.45 -2.56 -27.14
N LYS B 265 4.34 -1.89 -27.88
CA LYS B 265 4.69 -2.37 -29.21
C LYS B 265 5.43 -3.70 -29.08
N MET B 266 6.22 -3.86 -28.02
CA MET B 266 6.96 -5.09 -27.81
C MET B 266 6.00 -6.23 -27.47
N VAL B 267 4.95 -5.92 -26.72
CA VAL B 267 3.95 -6.94 -26.38
C VAL B 267 3.29 -7.41 -27.66
N THR B 268 2.90 -6.45 -28.49
CA THR B 268 2.26 -6.72 -29.77
C THR B 268 3.17 -7.56 -30.67
N LEU B 269 4.43 -7.14 -30.77
CA LEU B 269 5.38 -7.85 -31.61
C LEU B 269 5.61 -9.28 -31.14
N ALA B 270 5.89 -9.45 -29.86
CA ALA B 270 6.12 -10.78 -29.32
C ALA B 270 4.93 -11.69 -29.59
N HIS B 271 3.73 -11.22 -29.25
CA HIS B 271 2.52 -12.01 -29.46
C HIS B 271 2.31 -12.35 -30.93
N ALA B 272 2.54 -11.39 -31.80
CA ALA B 272 2.37 -11.60 -33.23
C ALA B 272 3.33 -12.67 -33.73
N LEU B 273 4.49 -12.76 -33.10
CA LEU B 273 5.50 -13.74 -33.48
C LEU B 273 5.35 -15.07 -32.72
N GLY B 274 4.23 -15.22 -32.02
CA GLY B 274 3.97 -16.44 -31.27
C GLY B 274 4.77 -16.61 -29.99
N MET B 275 5.33 -15.52 -29.47
CA MET B 275 6.10 -15.57 -28.24
C MET B 275 5.26 -15.10 -27.06
N ARG B 276 5.61 -15.56 -25.86
CA ARG B 276 4.88 -15.14 -24.67
C ARG B 276 5.54 -13.88 -24.13
N VAL B 277 4.89 -13.26 -23.16
CA VAL B 277 5.40 -12.02 -22.59
C VAL B 277 5.29 -11.99 -21.08
N MET B 278 6.30 -11.38 -20.45
CA MET B 278 6.28 -11.19 -19.02
C MET B 278 6.77 -9.75 -18.84
N VAL B 279 6.50 -9.17 -17.68
CA VAL B 279 6.92 -7.81 -17.40
C VAL B 279 7.66 -7.79 -16.08
N GLY B 280 8.72 -6.99 -16.03
CA GLY B 280 9.52 -6.87 -14.82
C GLY B 280 9.68 -5.41 -14.44
N CYS B 281 10.54 -5.16 -13.47
CA CYS B 281 10.77 -3.80 -13.00
C CYS B 281 12.05 -3.70 -12.19
N MET B 282 12.44 -2.46 -11.90
CA MET B 282 13.61 -2.21 -11.06
C MET B 282 12.98 -1.75 -9.74
N THR B 283 13.80 -1.51 -8.73
CA THR B 283 13.25 -0.98 -7.49
C THR B 283 12.78 0.40 -7.98
N GLU B 284 11.48 0.66 -7.84
CA GLU B 284 10.88 1.90 -8.33
C GLU B 284 9.75 2.36 -7.41
N THR B 285 9.34 3.61 -7.54
CA THR B 285 8.21 4.11 -6.76
C THR B 285 6.99 3.57 -7.50
N SER B 286 5.81 3.82 -6.95
CA SER B 286 4.59 3.33 -7.59
C SER B 286 4.30 4.01 -8.92
N CYS B 287 5.05 5.04 -9.26
CA CYS B 287 4.85 5.73 -10.53
C CYS B 287 5.16 4.74 -11.67
N ALA B 288 6.41 4.31 -11.76
CA ALA B 288 6.79 3.38 -12.82
C ALA B 288 6.12 2.01 -12.68
N ILE B 289 5.91 1.55 -11.45
CA ILE B 289 5.29 0.25 -11.25
C ILE B 289 3.87 0.24 -11.79
N SER B 290 3.10 1.29 -11.47
CA SER B 290 1.73 1.37 -11.94
C SER B 290 1.66 1.55 -13.45
N ALA B 291 2.62 2.29 -14.00
CA ALA B 291 2.69 2.51 -15.44
C ALA B 291 2.83 1.17 -16.16
N ALA B 292 3.76 0.35 -15.70
CA ALA B 292 3.97 -0.96 -16.31
C ALA B 292 2.75 -1.86 -16.08
N SER B 293 2.12 -1.71 -14.91
CA SER B 293 0.96 -2.53 -14.59
C SER B 293 -0.20 -2.30 -15.55
N GLN B 294 -0.22 -1.15 -16.21
CA GLN B 294 -1.30 -0.83 -17.15
C GLN B 294 -1.41 -1.84 -18.29
N PHE B 295 -0.32 -2.50 -18.66
CA PHE B 295 -0.42 -3.50 -19.72
C PHE B 295 -0.27 -4.92 -19.18
N SER B 296 -0.24 -5.07 -17.87
CA SER B 296 -0.08 -6.40 -17.28
C SER B 296 -1.21 -7.39 -17.62
N PRO B 297 -2.41 -6.89 -17.97
CA PRO B 297 -3.44 -7.89 -18.31
C PRO B 297 -3.06 -8.72 -19.54
N ALA B 298 -2.04 -8.28 -20.27
CA ALA B 298 -1.60 -8.99 -21.47
C ALA B 298 -0.38 -9.89 -21.26
N VAL B 299 0.13 -9.96 -20.04
CA VAL B 299 1.31 -10.79 -19.76
C VAL B 299 1.02 -12.12 -19.07
N ASP B 300 1.97 -13.04 -19.18
CA ASP B 300 1.87 -14.37 -18.57
C ASP B 300 2.44 -14.39 -17.15
N PHE B 301 3.49 -13.61 -16.95
CA PHE B 301 4.15 -13.51 -15.65
C PHE B 301 4.49 -12.05 -15.40
N ALA B 302 4.56 -11.69 -14.12
CA ALA B 302 4.89 -10.33 -13.77
C ALA B 302 5.67 -10.24 -12.47
N ASP B 303 6.74 -9.45 -12.51
CA ASP B 303 7.55 -9.20 -11.32
C ASP B 303 7.33 -7.69 -11.21
N LEU B 304 6.25 -7.32 -10.53
CA LEU B 304 5.88 -5.91 -10.36
C LEU B 304 5.72 -5.57 -8.89
N ASP B 305 6.80 -5.81 -8.15
CA ASP B 305 6.84 -5.59 -6.70
C ASP B 305 7.93 -4.56 -6.32
N GLY B 306 8.45 -3.85 -7.32
CA GLY B 306 9.52 -2.90 -7.07
C GLY B 306 9.31 -1.89 -5.95
N ASN B 307 8.11 -1.36 -5.84
CA ASN B 307 7.80 -0.36 -4.81
C ASN B 307 7.76 -0.96 -3.42
N LEU B 308 7.48 -2.25 -3.32
CA LEU B 308 7.39 -2.91 -2.02
C LEU B 308 8.76 -2.96 -1.35
N LEU B 309 9.83 -2.89 -2.13
CA LEU B 309 11.17 -2.93 -1.57
C LEU B 309 11.74 -1.57 -1.15
N ILE B 310 10.99 -0.50 -1.39
CA ILE B 310 11.47 0.83 -0.98
C ILE B 310 10.66 1.36 0.19
N SER B 311 11.27 2.25 0.97
CA SER B 311 10.60 2.81 2.13
C SER B 311 10.14 4.26 1.93
N ASN B 312 10.42 4.83 0.77
CA ASN B 312 10.04 6.21 0.49
C ASN B 312 9.26 6.40 -0.80
N ASP B 313 8.23 5.57 -0.99
CA ASP B 313 7.38 5.67 -2.17
C ASP B 313 6.71 7.05 -2.10
N ARG B 314 6.51 7.67 -3.26
CA ARG B 314 5.89 8.99 -3.33
C ARG B 314 4.46 8.92 -3.87
N PHE B 315 4.03 7.74 -4.28
CA PHE B 315 2.71 7.59 -4.88
C PHE B 315 1.94 6.39 -4.35
N LYS B 316 0.62 6.49 -4.47
CA LYS B 316 -0.27 5.40 -4.11
C LYS B 316 -0.83 4.98 -5.47
N GLY B 317 -0.47 3.78 -5.91
CA GLY B 317 -0.93 3.29 -7.21
C GLY B 317 -1.45 1.87 -7.10
N VAL B 318 -0.98 1.01 -7.99
CA VAL B 318 -1.43 -0.38 -7.96
C VAL B 318 -1.08 -1.03 -6.65
N GLU B 319 -1.92 -1.97 -6.24
CA GLU B 319 -1.71 -2.67 -4.99
C GLU B 319 -1.76 -4.17 -5.23
N VAL B 320 -1.17 -4.92 -4.33
CA VAL B 320 -1.18 -6.37 -4.42
C VAL B 320 -2.31 -6.83 -3.52
N VAL B 321 -3.30 -7.49 -4.12
CA VAL B 321 -4.46 -7.96 -3.39
C VAL B 321 -4.63 -9.44 -3.70
N ASN B 322 -4.58 -10.28 -2.66
CA ASN B 322 -4.68 -11.72 -2.85
C ASN B 322 -3.55 -12.13 -3.80
N GLY B 323 -2.42 -11.43 -3.67
CA GLY B 323 -1.23 -11.71 -4.48
C GLY B 323 -1.32 -11.23 -5.92
N LYS B 324 -2.43 -10.59 -6.26
CA LYS B 324 -2.67 -10.11 -7.61
C LYS B 324 -2.45 -8.61 -7.80
N ILE B 325 -1.78 -8.24 -8.89
CA ILE B 325 -1.57 -6.82 -9.19
C ILE B 325 -2.97 -6.27 -9.40
N THR B 326 -3.30 -5.19 -8.70
CA THR B 326 -4.63 -4.64 -8.78
C THR B 326 -4.64 -3.18 -9.18
N LEU B 327 -5.20 -2.93 -10.36
CA LEU B 327 -5.30 -1.59 -10.93
C LEU B 327 -6.48 -0.82 -10.36
N ASN B 328 -6.27 0.45 -10.03
CA ASN B 328 -7.37 1.27 -9.57
C ASN B 328 -7.94 1.92 -10.83
N ASP B 329 -8.92 2.80 -10.68
CA ASP B 329 -9.52 3.44 -11.85
C ASP B 329 -9.04 4.85 -12.12
N LEU B 330 -7.94 5.25 -11.48
CA LEU B 330 -7.39 6.57 -11.70
C LEU B 330 -6.88 6.63 -13.14
N PRO B 331 -7.08 7.77 -13.82
CA PRO B 331 -6.65 7.94 -15.20
C PRO B 331 -5.13 7.95 -15.35
N GLY B 332 -4.66 7.91 -16.60
CA GLY B 332 -3.22 7.92 -16.84
C GLY B 332 -2.56 6.64 -16.39
N ILE B 333 -1.51 6.76 -15.58
CA ILE B 333 -0.81 5.57 -15.10
C ILE B 333 -1.41 5.01 -13.81
N GLY B 334 -2.45 5.66 -13.30
CA GLY B 334 -3.14 5.18 -12.11
C GLY B 334 -2.54 5.44 -10.75
N VAL B 335 -1.98 6.64 -10.55
CA VAL B 335 -1.39 6.97 -9.26
C VAL B 335 -1.90 8.29 -8.70
N MET B 336 -1.77 8.41 -7.38
CA MET B 336 -2.13 9.62 -6.66
C MET B 336 -0.84 10.00 -5.94
N LYS B 337 -0.43 11.26 -6.05
CA LYS B 337 0.79 11.68 -5.38
C LYS B 337 0.49 11.89 -3.90
#